data_2BB5
#
_entry.id   2BB5
#
_cell.length_a   49.127
_cell.length_b   145.497
_cell.length_c   165.043
_cell.angle_alpha   90.00
_cell.angle_beta   90.00
_cell.angle_gamma   90.00
#
_symmetry.space_group_name_H-M   'P 21 21 21'
#
loop_
_entity.id
_entity.type
_entity.pdbx_description
1 polymer 'Transcobalamin II'
2 non-polymer COBALAMIN
3 water water
#
_entity_poly.entity_id   1
_entity_poly.type   'polypeptide(L)'
_entity_poly.pdbx_seq_one_letter_code
;EMCEIPEMDSHLVEKLGQHLLPWMDRLSLEHLNPSIYVGLRLSSLQAGTKEDLYLHSLKLGYQQCLLGSAFSEDDGDCQG
KPSMGQLALYLLALRANCEFVRGHKGDRLVSQLKWFLEDEKRAIGHDHKGHPHTSYYQYGLGILALCLHQKRVHDSVVDK
LLYAVEPFHQGHHSVDTAAMAGLAFTCLKRSNFNPGRRQRITMAIRTVREEILKAQTPEGHFGNVYSTPLALQFLMTSPM
PGAELGTACLKARVALLASLQDGAFQNALMISQLLPVLNHKTYIDLIFPDCLAPRVMLEPAAETIPQTQEIISVTLQVLS
LLPPYRQSISVLAGSTVEDVLKKAHELGGFTYETQASLSGPYLTSVMGKAAGEREFWQLLRDPNTPLLQGIADYRPKDGE
TIELRLVSW
;
_entity_poly.pdbx_strand_id   A,B
#
# COMPACT_ATOMS: atom_id res chain seq x y z
N GLU A 1 26.36 1.04 -22.62
CA GLU A 1 27.74 1.60 -22.79
C GLU A 1 28.36 2.04 -21.45
N MET A 2 29.46 2.80 -21.53
CA MET A 2 30.30 3.07 -20.35
C MET A 2 29.66 3.77 -19.16
N CYS A 3 28.93 4.85 -19.40
CA CYS A 3 28.13 5.47 -18.35
C CYS A 3 26.71 5.00 -18.55
N GLU A 4 26.43 3.78 -18.11
CA GLU A 4 25.07 3.25 -18.18
C GLU A 4 24.59 2.61 -16.90
N ILE A 5 23.30 2.83 -16.64
CA ILE A 5 22.60 2.26 -15.52
C ILE A 5 21.75 1.13 -16.08
N PRO A 6 21.90 -0.09 -15.51
CA PRO A 6 21.01 -1.18 -15.90
C PRO A 6 19.57 -0.88 -15.51
N GLU A 7 18.62 -1.53 -16.17
CA GLU A 7 17.20 -1.33 -15.87
C GLU A 7 16.88 -1.58 -14.40
N MET A 8 15.81 -0.94 -13.92
CA MET A 8 15.40 -1.07 -12.53
C MET A 8 14.11 -1.90 -12.41
N ASP A 9 13.67 -2.13 -11.17
CA ASP A 9 12.42 -2.84 -10.92
C ASP A 9 11.29 -2.16 -11.68
N SER A 10 10.72 -2.88 -12.63
CA SER A 10 9.66 -2.36 -13.51
C SER A 10 8.57 -1.58 -12.76
N HIS A 11 8.23 -2.05 -11.55
CA HIS A 11 7.20 -1.40 -10.74
C HIS A 11 7.66 -0.15 -9.99
N LEU A 12 8.98 0.04 -9.89
CA LEU A 12 9.51 1.26 -9.26
C LEU A 12 9.39 2.44 -10.22
N VAL A 13 9.62 2.16 -11.50
CA VAL A 13 9.47 3.15 -12.56
C VAL A 13 7.98 3.49 -12.71
N GLU A 14 7.15 2.46 -12.68
CA GLU A 14 5.69 2.59 -12.76
C GLU A 14 5.15 3.45 -11.62
N LYS A 15 5.74 3.24 -10.44
CA LYS A 15 5.44 4.02 -9.24
C LYS A 15 5.65 5.51 -9.50
N LEU A 16 6.78 5.86 -10.12
CA LEU A 16 7.11 7.25 -10.43
C LEU A 16 6.14 7.86 -11.45
N GLY A 17 5.86 7.11 -12.51
CA GLY A 17 4.90 7.53 -13.53
C GLY A 17 3.53 7.84 -12.98
N GLN A 18 3.12 7.06 -11.97
CA GLN A 18 1.84 7.26 -11.31
C GLN A 18 1.76 8.58 -10.53
N HIS A 19 2.91 9.11 -10.10
CA HIS A 19 2.97 10.44 -9.51
C HIS A 19 2.67 11.56 -10.50
N LEU A 20 3.04 11.33 -11.77
CA LEU A 20 2.84 12.30 -12.86
C LEU A 20 1.39 12.35 -13.31
N LEU A 21 0.71 11.22 -13.16
CA LEU A 21 -0.64 11.01 -13.70
C LEU A 21 -1.67 12.08 -13.32
N PRO A 22 -1.72 12.51 -12.04
CA PRO A 22 -2.69 13.56 -11.70
C PRO A 22 -2.38 14.93 -12.31
N TRP A 23 -1.18 15.11 -12.86
CA TRP A 23 -0.80 16.40 -13.47
C TRP A 23 -1.31 16.58 -14.89
N MET A 24 -1.56 15.44 -15.55
CA MET A 24 -2.06 15.40 -16.92
C MET A 24 -3.47 15.98 -17.04
N ASP A 25 -4.02 16.46 -15.94
CA ASP A 25 -5.38 17.00 -15.93
C ASP A 25 -5.41 18.46 -15.52
N ARG A 26 -4.33 18.92 -14.90
CA ARG A 26 -4.21 20.33 -14.52
C ARG A 26 -3.63 21.10 -15.70
N LEU A 27 -4.52 21.42 -16.64
CA LEU A 27 -4.15 22.10 -17.90
C LEU A 27 -4.18 23.62 -17.75
N SER A 28 -4.35 24.11 -16.53
CA SER A 28 -4.31 25.53 -16.21
C SER A 28 -2.99 26.14 -16.64
N LEU A 29 -3.04 27.35 -17.16
CA LEU A 29 -1.85 28.05 -17.64
C LEU A 29 -0.74 28.13 -16.58
N GLU A 30 -1.14 28.18 -15.31
CA GLU A 30 -0.19 28.24 -14.21
C GLU A 30 0.10 26.85 -13.62
N HIS A 31 -0.13 25.81 -14.43
CA HIS A 31 0.17 24.44 -14.02
C HIS A 31 0.66 23.57 -15.18
N LEU A 32 0.65 24.11 -16.39
CA LEU A 32 1.18 23.38 -17.54
C LEU A 32 2.69 23.32 -17.45
N ASN A 33 3.24 22.12 -17.65
CA ASN A 33 4.65 21.86 -17.43
C ASN A 33 5.29 21.06 -18.57
N PRO A 34 5.97 21.76 -19.50
CA PRO A 34 6.62 21.13 -20.65
C PRO A 34 7.61 20.05 -20.26
N SER A 35 8.17 20.15 -19.05
CA SER A 35 9.17 19.20 -18.58
C SER A 35 8.54 17.84 -18.30
N ILE A 36 7.30 17.86 -17.81
CA ILE A 36 6.53 16.66 -17.56
C ILE A 36 6.30 15.91 -18.89
N TYR A 37 5.74 16.60 -19.87
CA TYR A 37 5.50 16.00 -21.19
C TYR A 37 6.78 15.36 -21.76
N VAL A 38 7.87 16.13 -21.77
CA VAL A 38 9.18 15.66 -22.23
C VAL A 38 9.58 14.45 -21.41
N GLY A 39 9.34 14.53 -20.10
CA GLY A 39 9.60 13.42 -19.20
C GLY A 39 8.95 12.13 -19.67
N LEU A 40 7.64 12.18 -19.91
CA LEU A 40 6.90 11.00 -20.30
C LEU A 40 7.37 10.43 -21.63
N ARG A 41 7.37 11.25 -22.67
CA ARG A 41 7.74 10.80 -24.01
C ARG A 41 9.10 10.08 -24.06
N LEU A 42 10.03 10.52 -23.22
CA LEU A 42 11.36 9.93 -23.18
C LEU A 42 11.45 8.75 -22.21
N SER A 43 10.37 8.48 -21.47
CA SER A 43 10.35 7.39 -20.51
C SER A 43 9.89 6.09 -21.15
N SER A 44 9.84 5.02 -20.35
CA SER A 44 9.31 3.74 -20.79
C SER A 44 7.80 3.69 -20.54
N LEU A 45 7.28 4.77 -19.95
CA LEU A 45 5.86 4.88 -19.61
C LEU A 45 5.13 5.87 -20.51
N GLN A 46 3.83 5.65 -20.67
CA GLN A 46 3.01 6.49 -21.50
C GLN A 46 1.66 6.70 -20.84
N ALA A 47 1.26 7.95 -20.69
CA ALA A 47 -0.02 8.27 -20.08
C ALA A 47 -1.15 7.63 -20.89
N GLY A 48 -1.36 8.12 -22.11
CA GLY A 48 -2.49 7.68 -22.92
C GLY A 48 -2.96 8.86 -23.74
N THR A 49 -4.28 8.96 -23.94
CA THR A 49 -4.85 10.04 -24.74
C THR A 49 -4.63 11.39 -24.06
N LYS A 50 -4.60 11.37 -22.73
CA LYS A 50 -4.34 12.57 -21.94
C LYS A 50 -3.13 13.36 -22.46
N GLU A 51 -2.09 12.64 -22.89
CA GLU A 51 -0.86 13.23 -23.43
C GLU A 51 -1.13 14.24 -24.53
N ASP A 52 -1.81 13.81 -25.59
CA ASP A 52 -2.05 14.65 -26.76
C ASP A 52 -2.78 15.92 -26.39
N LEU A 53 -3.74 15.82 -25.48
CA LEU A 53 -4.51 16.95 -25.00
C LEU A 53 -3.63 17.90 -24.18
N TYR A 54 -2.68 17.31 -23.45
CA TYR A 54 -1.74 18.08 -22.64
C TYR A 54 -0.84 18.91 -23.53
N LEU A 55 -0.32 18.29 -24.59
CA LEU A 55 0.53 18.95 -25.59
C LEU A 55 -0.23 20.05 -26.32
N HIS A 56 -1.50 19.79 -26.58
CA HIS A 56 -2.36 20.74 -27.28
C HIS A 56 -2.57 22.00 -26.44
N SER A 57 -2.73 21.80 -25.13
CA SER A 57 -2.90 22.91 -24.20
C SER A 57 -1.60 23.71 -24.09
N LEU A 58 -0.47 23.00 -24.14
CA LEU A 58 0.84 23.63 -24.17
C LEU A 58 0.99 24.52 -25.39
N LYS A 59 0.73 23.97 -26.57
CA LYS A 59 0.76 24.73 -27.82
C LYS A 59 -0.18 25.92 -27.75
N LEU A 60 -1.37 25.72 -27.20
CA LEU A 60 -2.37 26.77 -27.08
C LEU A 60 -1.88 27.89 -26.18
N GLY A 61 -1.71 27.56 -24.90
CA GLY A 61 -1.28 28.53 -23.89
C GLY A 61 0.00 29.25 -24.23
N TYR A 62 1.06 28.48 -24.46
CA TYR A 62 2.37 29.05 -24.74
C TYR A 62 2.43 29.97 -25.96
N GLN A 63 1.65 29.66 -27.00
CA GLN A 63 1.61 30.54 -28.19
C GLN A 63 0.61 31.68 -28.04
N GLN A 64 -0.60 31.37 -27.55
CA GLN A 64 -1.63 32.37 -27.28
C GLN A 64 -1.12 33.55 -26.45
N CYS A 65 -0.23 33.25 -25.50
CA CYS A 65 0.26 34.22 -24.52
C CYS A 65 1.54 34.95 -24.94
N LEU A 66 2.46 34.22 -25.56
CA LEU A 66 3.75 34.77 -26.02
C LEU A 66 3.69 35.44 -27.40
N LEU A 67 2.61 35.20 -28.13
CA LEU A 67 2.36 35.84 -29.43
C LEU A 67 0.87 36.08 -29.65
N GLY A 68 0.51 37.35 -29.84
CA GLY A 68 -0.89 37.71 -30.05
C GLY A 68 -1.26 38.98 -29.33
N SER A 69 -0.77 40.10 -29.88
CA SER A 69 -0.95 41.46 -29.37
C SER A 69 -0.12 42.44 -30.21
N ALA A 70 -0.72 43.56 -30.60
CA ALA A 70 -0.03 44.61 -31.35
C ALA A 70 0.35 45.81 -30.47
N PHE A 71 -0.64 46.65 -30.14
CA PHE A 71 -0.43 47.84 -29.29
C PHE A 71 -0.92 47.65 -27.83
N SER A 72 -1.11 46.39 -27.43
CA SER A 72 -1.55 45.96 -26.06
C SER A 72 -2.91 46.48 -25.57
N GLU A 73 -3.66 45.60 -24.91
CA GLU A 73 -5.03 45.89 -24.45
C GLU A 73 -5.10 46.54 -23.05
N ASP A 74 -4.18 47.50 -22.78
CA ASP A 74 -4.19 48.33 -21.56
C ASP A 74 -4.24 47.56 -20.23
N ASP A 75 -3.50 46.45 -20.14
CA ASP A 75 -3.47 45.62 -18.91
C ASP A 75 -2.07 45.49 -18.29
N GLY A 76 -2.01 45.00 -17.06
CA GLY A 76 -0.74 44.75 -16.36
C GLY A 76 -0.03 43.52 -16.91
N ASP A 77 -0.56 42.35 -16.55
CA ASP A 77 -0.12 41.05 -17.10
C ASP A 77 -1.29 40.05 -17.12
N CYS A 78 -2.08 40.10 -18.20
CA CYS A 78 -3.39 39.42 -18.30
C CYS A 78 -3.32 37.88 -18.48
N GLN A 79 -2.12 37.34 -18.45
CA GLN A 79 -1.89 35.89 -18.45
C GLN A 79 -0.83 35.54 -17.41
N GLY A 80 0.11 36.47 -17.23
CA GLY A 80 1.33 36.24 -16.49
C GLY A 80 2.47 35.98 -17.47
N LYS A 81 2.15 35.21 -18.51
CA LYS A 81 3.07 34.82 -19.59
C LYS A 81 4.11 33.81 -19.12
N PRO A 82 4.37 32.76 -19.93
CA PRO A 82 5.50 31.86 -19.68
C PRO A 82 6.83 32.61 -19.76
N SER A 83 7.78 32.26 -18.89
CA SER A 83 9.13 32.84 -18.92
C SER A 83 9.87 32.37 -20.17
N MET A 84 10.90 33.11 -20.57
CA MET A 84 11.69 32.69 -21.71
C MET A 84 12.38 31.35 -21.45
N GLY A 85 12.75 31.14 -20.19
CA GLY A 85 13.25 29.86 -19.72
C GLY A 85 12.23 28.76 -19.95
N GLN A 86 10.95 29.09 -19.66
CA GLN A 86 9.84 28.16 -19.86
C GLN A 86 9.57 27.87 -21.33
N LEU A 87 9.69 28.89 -22.16
CA LEU A 87 9.54 28.77 -23.61
C LEU A 87 10.56 27.82 -24.19
N ALA A 88 11.79 27.89 -23.70
CA ALA A 88 12.85 26.97 -24.10
C ALA A 88 12.41 25.52 -23.90
N LEU A 89 11.83 25.22 -22.74
CA LEU A 89 11.40 23.86 -22.43
C LEU A 89 10.24 23.40 -23.30
N TYR A 90 9.32 24.33 -23.59
CA TYR A 90 8.22 24.08 -24.51
C TYR A 90 8.73 23.63 -25.88
N LEU A 91 9.88 24.18 -26.28
CA LEU A 91 10.51 23.79 -27.53
C LEU A 91 10.98 22.35 -27.50
N LEU A 92 11.50 21.89 -26.36
CA LEU A 92 11.87 20.48 -26.18
C LEU A 92 10.63 19.60 -26.21
N ALA A 93 9.51 20.12 -25.70
CA ALA A 93 8.24 19.43 -25.72
C ALA A 93 7.80 19.18 -27.15
N LEU A 94 7.91 20.20 -28.00
CA LEU A 94 7.61 20.05 -29.41
C LEU A 94 8.46 18.94 -30.02
N ARG A 95 9.77 18.97 -29.72
CA ARG A 95 10.71 17.95 -30.19
C ARG A 95 10.31 16.55 -29.74
N ALA A 96 9.78 16.45 -28.52
CA ALA A 96 9.33 15.18 -27.93
C ALA A 96 8.23 14.54 -28.75
N ASN A 97 7.53 15.36 -29.53
CA ASN A 97 6.52 14.87 -30.45
C ASN A 97 7.02 14.94 -31.90
N CYS A 98 8.35 14.99 -32.07
CA CYS A 98 8.97 15.00 -33.39
C CYS A 98 8.49 16.17 -34.24
N GLU A 99 8.60 17.38 -33.68
CA GLU A 99 8.13 18.60 -34.34
C GLU A 99 9.13 19.74 -34.26
N PHE A 100 9.19 20.52 -35.34
CA PHE A 100 9.91 21.79 -35.32
C PHE A 100 8.91 22.94 -35.29
N VAL A 101 9.33 24.06 -34.71
CA VAL A 101 8.52 25.28 -34.65
C VAL A 101 8.02 25.66 -36.04
N ARG A 102 6.71 25.58 -36.25
CA ARG A 102 6.13 25.77 -37.58
C ARG A 102 5.35 27.06 -37.76
N GLY A 103 5.56 27.70 -38.91
CA GLY A 103 4.86 28.92 -39.28
C GLY A 103 5.52 30.20 -38.82
N HIS A 104 4.77 31.31 -38.89
CA HIS A 104 5.22 32.63 -38.42
C HIS A 104 5.35 32.64 -36.92
N LYS A 105 4.33 32.10 -36.25
CA LYS A 105 4.33 31.93 -34.80
C LYS A 105 5.57 31.18 -34.33
N GLY A 106 6.03 30.23 -35.16
CA GLY A 106 7.29 29.53 -34.93
C GLY A 106 8.47 30.50 -35.03
N ASP A 107 8.51 31.25 -36.13
CA ASP A 107 9.55 32.26 -36.37
C ASP A 107 9.59 33.30 -35.27
N ARG A 108 8.41 33.66 -34.77
CA ARG A 108 8.27 34.65 -33.71
C ARG A 108 8.86 34.15 -32.40
N LEU A 109 8.49 32.93 -32.00
CA LEU A 109 8.98 32.33 -30.76
C LEU A 109 10.49 32.15 -30.78
N VAL A 110 11.00 31.53 -31.84
CA VAL A 110 12.43 31.41 -32.04
C VAL A 110 13.11 32.77 -31.89
N SER A 111 12.57 33.77 -32.59
CA SER A 111 13.10 35.12 -32.53
C SER A 111 13.11 35.64 -31.10
N GLN A 112 12.03 35.39 -30.36
CA GLN A 112 11.91 35.83 -28.97
C GLN A 112 13.00 35.24 -28.09
N LEU A 113 13.25 33.93 -28.23
CA LEU A 113 14.24 33.22 -27.42
C LEU A 113 15.68 33.62 -27.77
N LYS A 114 15.92 33.96 -29.04
CA LYS A 114 17.23 34.47 -29.45
C LYS A 114 17.48 35.82 -28.80
N TRP A 115 16.40 36.59 -28.63
CA TRP A 115 16.48 37.90 -28.00
C TRP A 115 16.77 37.83 -26.50
N PHE A 116 16.14 36.86 -25.83
CA PHE A 116 16.36 36.61 -24.41
C PHE A 116 17.83 36.36 -24.13
N LEU A 117 18.42 35.43 -24.87
CA LEU A 117 19.84 35.11 -24.74
C LEU A 117 20.73 36.32 -25.04
N GLU A 118 20.27 37.18 -25.95
CA GLU A 118 21.01 38.38 -26.31
C GLU A 118 21.00 39.40 -25.17
N ASP A 119 19.85 39.55 -24.51
CA ASP A 119 19.73 40.43 -23.35
C ASP A 119 20.57 39.90 -22.20
N GLU A 120 20.59 38.58 -22.02
CA GLU A 120 21.37 37.94 -20.97
C GLU A 120 22.86 38.00 -21.26
N LYS A 121 23.22 38.30 -22.52
CA LYS A 121 24.61 38.48 -22.90
C LYS A 121 25.05 39.91 -22.62
N ARG A 122 24.13 40.86 -22.75
CA ARG A 122 24.35 42.26 -22.37
C ARG A 122 24.44 42.34 -20.87
N ALA A 123 23.56 41.59 -20.20
CA ALA A 123 23.49 41.54 -18.74
C ALA A 123 24.84 41.16 -18.13
N ILE A 124 25.53 40.23 -18.77
CA ILE A 124 26.85 39.80 -18.32
C ILE A 124 27.90 40.87 -18.64
N GLY A 125 27.83 41.42 -19.86
CA GLY A 125 28.78 42.44 -20.32
C GLY A 125 30.18 41.88 -20.46
N HIS A 126 30.57 41.59 -21.72
CA HIS A 126 31.82 40.86 -22.06
C HIS A 126 32.02 39.53 -21.30
N ASP A 127 33.27 39.06 -21.15
CA ASP A 127 33.54 37.77 -20.49
C ASP A 127 33.87 37.86 -18.99
N HIS A 128 33.49 38.97 -18.33
CA HIS A 128 33.79 39.17 -16.90
C HIS A 128 32.87 40.19 -16.21
N LYS A 129 32.59 39.93 -14.93
CA LYS A 129 31.86 40.84 -14.01
C LYS A 129 30.43 41.20 -14.43
N GLY A 130 29.46 40.50 -13.85
CA GLY A 130 28.07 40.67 -14.24
C GLY A 130 27.37 39.33 -14.35
N HIS A 131 26.15 39.27 -13.83
CA HIS A 131 25.39 38.05 -13.80
C HIS A 131 24.28 38.13 -14.84
N PRO A 132 23.78 36.99 -15.31
CA PRO A 132 22.54 36.97 -16.07
C PRO A 132 21.37 37.39 -15.19
N HIS A 133 20.31 37.92 -15.79
CA HIS A 133 19.13 38.30 -15.03
C HIS A 133 18.42 37.06 -14.49
N THR A 134 18.45 35.97 -15.25
CA THR A 134 17.88 34.71 -14.81
C THR A 134 18.94 33.84 -14.13
N SER A 135 19.62 33.01 -14.92
CA SER A 135 20.69 32.12 -14.44
C SER A 135 21.35 31.43 -15.63
N TYR A 136 22.63 31.08 -15.48
CA TYR A 136 23.35 30.34 -16.52
C TYR A 136 22.66 29.03 -16.89
N TYR A 137 21.77 28.56 -16.02
CA TYR A 137 21.01 27.35 -16.27
C TYR A 137 20.01 27.55 -17.41
N GLN A 138 19.22 28.62 -17.31
CA GLN A 138 18.27 28.96 -18.37
C GLN A 138 19.03 29.38 -19.62
N TYR A 139 20.18 30.03 -19.41
CA TYR A 139 21.07 30.43 -20.50
C TYR A 139 21.51 29.20 -21.29
N GLY A 140 21.93 28.16 -20.57
CA GLY A 140 22.31 26.90 -21.18
C GLY A 140 21.13 26.21 -21.83
N LEU A 141 19.96 26.33 -21.22
CA LEU A 141 18.73 25.72 -21.73
C LEU A 141 18.18 26.48 -22.94
N GLY A 142 18.44 27.78 -22.99
CA GLY A 142 18.06 28.59 -24.15
C GLY A 142 18.85 28.16 -25.37
N ILE A 143 20.17 28.11 -25.22
CA ILE A 143 21.05 27.64 -26.28
C ILE A 143 20.67 26.22 -26.73
N LEU A 144 20.48 25.30 -25.77
CA LEU A 144 20.10 23.93 -26.08
C LEU A 144 18.81 23.85 -26.87
N ALA A 145 17.81 24.63 -26.44
CA ALA A 145 16.51 24.61 -27.08
C ALA A 145 16.62 24.92 -28.55
N LEU A 146 17.21 26.06 -28.88
CA LEU A 146 17.31 26.51 -30.26
C LEU A 146 18.15 25.57 -31.11
N CYS A 147 19.17 24.98 -30.50
CA CYS A 147 20.02 23.98 -31.15
C CYS A 147 19.22 22.73 -31.55
N LEU A 148 18.19 22.39 -30.78
CA LEU A 148 17.36 21.24 -31.05
C LEU A 148 16.36 21.51 -32.17
N HIS A 149 16.11 22.78 -32.44
CA HIS A 149 15.19 23.20 -33.50
C HIS A 149 15.97 23.68 -34.73
N GLN A 150 17.24 23.30 -34.78
CA GLN A 150 18.14 23.63 -35.90
C GLN A 150 18.20 25.14 -36.15
N LYS A 151 18.35 25.87 -35.05
CA LYS A 151 18.49 27.32 -35.09
C LYS A 151 19.79 27.63 -34.38
N ARG A 152 20.67 28.38 -35.03
CA ARG A 152 21.96 28.72 -34.44
C ARG A 152 21.96 30.09 -33.76
N VAL A 153 22.82 30.23 -32.75
CA VAL A 153 23.03 31.53 -32.11
C VAL A 153 24.44 32.01 -32.44
N HIS A 154 24.64 33.31 -32.35
CA HIS A 154 25.94 33.92 -32.65
C HIS A 154 27.00 33.46 -31.64
N ASP A 155 28.25 33.43 -32.08
CA ASP A 155 29.36 32.99 -31.24
C ASP A 155 29.48 33.78 -29.94
N SER A 156 29.11 35.06 -29.98
CA SER A 156 29.15 35.91 -28.79
C SER A 156 28.22 35.42 -27.66
N VAL A 157 27.14 34.74 -28.04
CA VAL A 157 26.22 34.12 -27.07
C VAL A 157 26.84 32.87 -26.45
N VAL A 158 27.36 31.98 -27.29
CA VAL A 158 28.03 30.77 -26.83
C VAL A 158 29.23 31.11 -25.96
N ASP A 159 29.95 32.18 -26.32
CA ASP A 159 31.11 32.65 -25.57
C ASP A 159 30.86 32.72 -24.07
N LYS A 160 29.74 33.30 -23.69
CA LYS A 160 29.43 33.52 -22.29
C LYS A 160 29.22 32.19 -21.55
N LEU A 161 28.60 31.23 -22.22
CA LEU A 161 28.40 29.92 -21.65
C LEU A 161 29.72 29.18 -21.53
N LEU A 162 30.57 29.30 -22.54
CA LEU A 162 31.90 28.71 -22.52
C LEU A 162 32.68 29.17 -21.30
N TYR A 163 32.63 30.47 -21.04
CA TYR A 163 33.43 31.09 -19.98
C TYR A 163 33.00 30.68 -18.57
N ALA A 164 31.70 30.56 -18.36
CA ALA A 164 31.14 30.21 -17.04
C ALA A 164 31.60 28.84 -16.58
N VAL A 165 31.93 27.98 -17.53
CA VAL A 165 32.31 26.60 -17.25
C VAL A 165 33.59 26.47 -16.42
N GLU A 166 34.62 27.24 -16.78
CA GLU A 166 35.95 27.13 -16.13
C GLU A 166 35.91 27.21 -14.58
N PRO A 167 35.99 28.43 -13.99
CA PRO A 167 35.79 28.53 -12.54
C PRO A 167 34.30 28.64 -12.17
N PHE A 168 33.91 29.73 -11.50
CA PHE A 168 32.52 29.94 -11.02
C PHE A 168 32.05 28.83 -10.07
N HIS A 169 30.76 28.86 -9.73
CA HIS A 169 30.03 27.73 -9.10
C HIS A 169 30.38 27.35 -7.65
N GLN A 170 29.39 27.51 -6.77
CA GLN A 170 29.46 27.07 -5.38
C GLN A 170 28.08 26.64 -4.85
N GLY A 171 28.04 25.52 -4.13
CA GLY A 171 26.79 24.99 -3.58
C GLY A 171 25.98 24.21 -4.62
N HIS A 172 25.53 23.01 -4.24
CA HIS A 172 24.86 21.94 -5.04
C HIS A 172 24.39 22.26 -6.45
N HIS A 173 23.83 23.46 -6.67
CA HIS A 173 23.29 23.92 -7.96
C HIS A 173 24.26 23.80 -9.14
N SER A 174 25.51 24.23 -8.91
CA SER A 174 26.62 24.06 -9.85
C SER A 174 26.51 22.81 -10.73
N VAL A 175 26.21 21.67 -10.10
CA VAL A 175 26.17 20.38 -10.79
C VAL A 175 25.04 20.28 -11.82
N ASP A 176 23.94 20.98 -11.57
CA ASP A 176 22.83 21.06 -12.53
C ASP A 176 23.17 22.01 -13.70
N THR A 177 23.66 23.20 -13.37
CA THR A 177 24.04 24.20 -14.36
C THR A 177 25.14 23.66 -15.26
N ALA A 178 26.09 22.95 -14.66
CA ALA A 178 27.14 22.28 -15.41
C ALA A 178 26.55 21.28 -16.38
N ALA A 179 25.66 20.42 -15.88
CA ALA A 179 25.00 19.40 -16.69
C ALA A 179 24.22 20.01 -17.85
N MET A 180 23.47 21.08 -17.55
CA MET A 180 22.73 21.79 -18.59
C MET A 180 23.66 22.39 -19.62
N ALA A 181 24.61 23.21 -19.16
CA ALA A 181 25.63 23.78 -20.03
C ALA A 181 26.29 22.68 -20.85
N GLY A 182 26.65 21.58 -20.17
CA GLY A 182 27.24 20.40 -20.80
C GLY A 182 26.40 19.82 -21.91
N LEU A 183 25.10 19.68 -21.67
CA LEU A 183 24.16 19.19 -22.68
C LEU A 183 24.08 20.10 -23.89
N ALA A 184 23.97 21.41 -23.65
CA ALA A 184 23.93 22.41 -24.71
C ALA A 184 25.12 22.20 -25.63
N PHE A 185 26.31 22.14 -25.05
CA PHE A 185 27.53 21.97 -25.84
C PHE A 185 27.48 20.70 -26.69
N THR A 186 27.09 19.58 -26.07
CA THR A 186 26.95 18.31 -26.78
C THR A 186 26.13 18.54 -28.05
N CYS A 187 24.95 19.12 -27.88
CA CYS A 187 24.07 19.46 -28.99
C CYS A 187 24.83 20.18 -30.11
N LEU A 188 25.42 21.33 -29.77
CA LEU A 188 26.14 22.17 -30.72
C LEU A 188 27.23 21.38 -31.44
N LYS A 189 27.98 20.59 -30.66
CA LYS A 189 29.08 19.79 -31.16
C LYS A 189 28.60 18.77 -32.17
N ARG A 190 27.43 18.19 -31.90
CA ARG A 190 26.89 17.10 -32.69
C ARG A 190 26.28 17.58 -34.01
N SER A 191 26.34 18.88 -34.26
CA SER A 191 25.86 19.45 -35.51
C SER A 191 26.75 20.57 -36.05
N ASN A 192 27.86 20.83 -35.36
CA ASN A 192 28.86 21.82 -35.80
C ASN A 192 28.28 23.23 -35.92
N PHE A 193 27.54 23.65 -34.90
CA PHE A 193 26.77 24.89 -35.00
C PHE A 193 27.55 26.18 -34.89
N ASN A 194 28.55 26.19 -34.00
CA ASN A 194 29.45 27.32 -33.92
C ASN A 194 30.87 26.87 -34.22
N PRO A 195 31.20 26.74 -35.53
CA PRO A 195 32.48 26.19 -35.97
C PRO A 195 33.66 26.96 -35.37
N GLY A 196 33.58 28.30 -35.38
CA GLY A 196 34.63 29.15 -34.85
C GLY A 196 34.98 28.85 -33.39
N ARG A 197 34.18 27.99 -32.78
CA ARG A 197 34.38 27.61 -31.39
C ARG A 197 34.36 26.09 -31.24
N ARG A 198 34.42 25.36 -32.37
CA ARG A 198 34.35 23.89 -32.36
C ARG A 198 35.37 23.26 -31.40
N GLN A 199 36.66 23.60 -31.59
CA GLN A 199 37.71 23.05 -30.74
C GLN A 199 37.51 23.50 -29.30
N ARG A 200 37.06 24.74 -29.15
CA ARG A 200 36.82 25.37 -27.87
C ARG A 200 35.68 24.67 -27.09
N ILE A 201 34.62 24.32 -27.80
CA ILE A 201 33.44 23.68 -27.22
C ILE A 201 33.74 22.28 -26.69
N THR A 202 34.49 21.49 -27.48
CA THR A 202 34.87 20.13 -27.12
C THR A 202 35.66 20.10 -25.80
N MET A 203 36.59 21.03 -25.66
CA MET A 203 37.36 21.25 -24.43
C MET A 203 36.40 21.47 -23.26
N ALA A 204 35.43 22.37 -23.44
CA ALA A 204 34.45 22.67 -22.39
C ALA A 204 33.66 21.45 -21.93
N ILE A 205 33.19 20.64 -22.87
CA ILE A 205 32.48 19.40 -22.53
C ILE A 205 33.37 18.51 -21.67
N ARG A 206 34.65 18.42 -22.04
CA ARG A 206 35.63 17.69 -21.27
C ARG A 206 35.83 18.32 -19.88
N THR A 207 35.74 19.65 -19.82
CA THR A 207 35.84 20.38 -18.55
C THR A 207 34.65 20.04 -17.65
N VAL A 208 33.47 19.93 -18.25
CA VAL A 208 32.22 19.75 -17.51
C VAL A 208 32.18 18.41 -16.77
N ARG A 209 32.51 17.33 -17.47
CA ARG A 209 32.45 16.01 -16.88
C ARG A 209 33.45 15.85 -15.73
N GLU A 210 34.58 16.56 -15.80
CA GLU A 210 35.54 16.58 -14.69
C GLU A 210 34.87 17.23 -13.50
N GLU A 211 34.39 18.46 -13.68
CA GLU A 211 33.63 19.19 -12.66
C GLU A 211 32.53 18.36 -12.00
N ILE A 212 31.72 17.70 -12.82
CA ILE A 212 30.63 16.85 -12.33
C ILE A 212 31.16 15.59 -11.67
N LEU A 213 31.96 14.82 -12.41
CA LEU A 213 32.46 13.53 -11.93
C LEU A 213 33.29 13.70 -10.67
N LYS A 214 33.91 14.88 -10.53
CA LYS A 214 34.65 15.26 -9.33
C LYS A 214 33.73 15.43 -8.14
N ALA A 215 32.54 15.99 -8.40
CA ALA A 215 31.59 16.32 -7.35
C ALA A 215 30.74 15.13 -6.85
N GLN A 216 31.21 13.91 -7.08
CA GLN A 216 30.47 12.73 -6.65
C GLN A 216 30.68 12.44 -5.17
N THR A 217 29.62 12.57 -4.40
CA THR A 217 29.65 12.31 -2.95
C THR A 217 29.86 10.80 -2.65
N PRO A 218 30.42 10.48 -1.46
CA PRO A 218 30.64 9.10 -1.03
C PRO A 218 29.39 8.19 -1.00
N GLU A 219 28.20 8.80 -1.04
CA GLU A 219 26.93 8.04 -1.12
C GLU A 219 26.77 7.45 -2.51
N GLY A 220 27.31 8.16 -3.49
CA GLY A 220 27.25 7.75 -4.89
C GLY A 220 26.64 8.84 -5.76
N HIS A 221 26.03 9.84 -5.10
CA HIS A 221 25.35 10.92 -5.79
C HIS A 221 26.29 11.94 -6.45
N PHE A 222 25.74 12.68 -7.43
CA PHE A 222 26.45 13.81 -8.03
C PHE A 222 25.91 15.11 -7.44
N GLY A 223 26.65 15.69 -6.51
CA GLY A 223 26.21 16.92 -5.83
C GLY A 223 25.19 16.61 -4.75
N ASN A 224 23.98 16.30 -5.18
CA ASN A 224 22.94 15.77 -4.30
C ASN A 224 22.03 14.82 -5.08
N VAL A 225 21.00 14.31 -4.43
CA VAL A 225 20.05 13.39 -5.05
C VAL A 225 19.32 14.01 -6.25
N TYR A 226 19.00 15.30 -6.15
CA TYR A 226 18.20 15.98 -7.17
C TYR A 226 19.02 16.60 -8.27
N SER A 227 20.34 16.58 -8.12
CA SER A 227 21.23 17.02 -9.19
C SER A 227 21.69 15.83 -10.01
N THR A 228 21.47 14.62 -9.47
CA THR A 228 21.96 13.40 -10.08
C THR A 228 21.32 13.06 -11.43
N PRO A 229 19.98 13.17 -11.56
CA PRO A 229 19.34 12.82 -12.82
C PRO A 229 19.89 13.59 -14.02
N LEU A 230 19.92 14.93 -13.92
CA LEU A 230 20.42 15.78 -14.99
C LEU A 230 21.92 15.58 -15.23
N ALA A 231 22.67 15.30 -14.16
CA ALA A 231 24.08 14.97 -14.28
C ALA A 231 24.25 13.70 -15.11
N LEU A 232 23.61 12.61 -14.68
CA LEU A 232 23.61 11.36 -15.42
C LEU A 232 23.17 11.55 -16.87
N GLN A 233 22.13 12.35 -17.07
CA GLN A 233 21.64 12.68 -18.40
C GLN A 233 22.77 13.19 -19.31
N PHE A 234 23.55 14.14 -18.82
CA PHE A 234 24.72 14.63 -19.55
C PHE A 234 25.79 13.56 -19.75
N LEU A 235 26.07 12.82 -18.68
CA LEU A 235 27.13 11.82 -18.68
C LEU A 235 26.83 10.61 -19.59
N MET A 236 25.56 10.44 -19.94
CA MET A 236 25.13 9.40 -20.89
C MET A 236 25.26 9.85 -22.35
N THR A 237 26.08 10.87 -22.61
CA THR A 237 26.41 11.25 -23.97
C THR A 237 27.92 11.13 -24.22
N SER A 238 28.72 11.48 -23.20
CA SER A 238 30.19 11.37 -23.25
C SER A 238 30.67 9.97 -23.67
N PRO A 239 31.26 9.86 -24.87
CA PRO A 239 31.59 8.54 -25.41
C PRO A 239 33.00 8.02 -25.05
N MET A 240 33.69 8.67 -24.11
CA MET A 240 35.06 8.30 -23.74
C MET A 240 35.13 7.30 -22.56
N PRO A 241 35.55 6.05 -22.84
CA PRO A 241 35.65 4.99 -21.83
C PRO A 241 36.92 5.08 -20.98
N GLY A 242 37.60 3.95 -20.80
CA GLY A 242 38.72 3.84 -19.86
C GLY A 242 38.28 2.99 -18.69
N ALA A 243 37.44 3.58 -17.84
CA ALA A 243 36.87 2.94 -16.65
C ALA A 243 36.06 3.94 -15.84
N GLU A 244 36.64 5.13 -15.67
CA GLU A 244 36.08 6.23 -14.87
C GLU A 244 34.56 6.23 -14.79
N LEU A 245 33.91 6.48 -15.93
CA LEU A 245 32.44 6.54 -16.01
C LEU A 245 31.77 5.26 -15.51
N GLY A 246 32.20 4.12 -16.03
CA GLY A 246 31.66 2.83 -15.64
C GLY A 246 31.26 2.74 -14.19
N THR A 247 32.26 2.77 -13.30
CA THR A 247 32.02 2.59 -11.86
C THR A 247 31.30 3.77 -11.21
N ALA A 248 31.71 4.99 -11.57
CA ALA A 248 31.09 6.21 -11.04
C ALA A 248 29.61 6.32 -11.39
N CYS A 249 29.28 5.99 -12.65
CA CYS A 249 27.90 5.97 -13.14
C CYS A 249 27.10 4.85 -12.47
N LEU A 250 27.76 3.71 -12.26
CA LEU A 250 27.13 2.54 -11.66
C LEU A 250 26.94 2.72 -10.15
N LYS A 251 27.79 3.57 -9.56
CA LYS A 251 27.70 3.95 -8.15
C LYS A 251 26.47 4.82 -7.94
N ALA A 252 26.30 5.80 -8.82
CA ALA A 252 25.15 6.69 -8.78
C ALA A 252 23.85 5.91 -8.77
N ARG A 253 23.82 4.81 -9.54
CA ARG A 253 22.67 3.91 -9.56
C ARG A 253 22.29 3.45 -8.16
N VAL A 254 23.29 2.99 -7.40
CA VAL A 254 23.08 2.52 -6.02
C VAL A 254 22.49 3.65 -5.18
N ALA A 255 23.20 4.79 -5.16
CA ALA A 255 22.77 5.97 -4.43
C ALA A 255 21.35 6.39 -4.79
N LEU A 256 21.04 6.27 -6.08
CA LEU A 256 19.73 6.65 -6.61
C LEU A 256 18.66 5.65 -6.19
N LEU A 257 18.92 4.36 -6.48
CA LEU A 257 18.04 3.25 -6.13
C LEU A 257 17.62 3.30 -4.66
N ALA A 258 18.59 3.59 -3.77
CA ALA A 258 18.33 3.77 -2.34
C ALA A 258 17.33 4.91 -2.06
N SER A 259 17.60 6.09 -2.62
CA SER A 259 16.76 7.27 -2.42
C SER A 259 15.38 7.08 -3.05
N LEU A 260 15.35 6.31 -4.13
CA LEU A 260 14.14 6.07 -4.90
C LEU A 260 13.14 5.25 -4.11
N GLN A 261 13.63 4.17 -3.50
CA GLN A 261 12.81 3.33 -2.62
C GLN A 261 12.62 3.97 -1.24
N ASP A 262 13.06 5.21 -1.11
CA ASP A 262 12.91 5.98 0.11
C ASP A 262 11.85 7.07 -0.09
N GLY A 263 11.47 7.30 -1.34
CA GLY A 263 10.44 8.28 -1.69
C GLY A 263 10.98 9.68 -1.92
N ALA A 264 12.28 9.77 -2.19
CA ALA A 264 12.93 11.05 -2.44
C ALA A 264 12.41 11.79 -3.69
N PHE A 265 11.78 11.06 -4.60
CA PHE A 265 11.32 11.66 -5.85
C PHE A 265 9.82 11.91 -5.88
N GLN A 266 9.39 12.91 -5.11
CA GLN A 266 7.99 13.29 -5.02
C GLN A 266 7.62 14.31 -6.08
N ASN A 267 8.53 15.25 -6.34
CA ASN A 267 8.30 16.38 -7.25
C ASN A 267 8.15 15.96 -8.71
N ALA A 268 7.08 16.46 -9.33
CA ALA A 268 6.75 16.12 -10.71
C ALA A 268 7.89 16.50 -11.68
N LEU A 269 8.45 17.68 -11.50
CA LEU A 269 9.54 18.11 -12.36
C LEU A 269 10.75 17.18 -12.24
N MET A 270 11.06 16.80 -11.00
CA MET A 270 12.20 15.93 -10.71
C MET A 270 12.03 14.50 -11.23
N ILE A 271 10.79 14.02 -11.23
CA ILE A 271 10.45 12.71 -11.80
C ILE A 271 10.67 12.75 -13.31
N SER A 272 10.30 13.87 -13.91
CA SER A 272 10.40 14.06 -15.35
C SER A 272 11.83 14.26 -15.84
N GLN A 273 12.75 14.51 -14.91
CA GLN A 273 14.16 14.62 -15.25
C GLN A 273 14.90 13.31 -15.07
N LEU A 274 14.34 12.41 -14.26
CA LEU A 274 14.92 11.10 -13.99
C LEU A 274 14.40 10.06 -14.97
N LEU A 275 13.11 10.15 -15.30
CA LEU A 275 12.47 9.19 -16.21
C LEU A 275 13.21 8.92 -17.52
N PRO A 276 13.68 9.99 -18.21
CA PRO A 276 14.46 9.75 -19.43
C PRO A 276 15.71 8.94 -19.14
N VAL A 277 16.44 9.34 -18.11
CA VAL A 277 17.63 8.63 -17.64
C VAL A 277 17.30 7.17 -17.37
N LEU A 278 16.25 6.92 -16.59
CA LEU A 278 15.78 5.56 -16.27
C LEU A 278 15.46 4.71 -17.49
N ASN A 279 15.38 5.37 -18.64
CA ASN A 279 15.05 4.70 -19.88
C ASN A 279 16.20 4.79 -20.87
N HIS A 280 17.41 5.04 -20.36
CA HIS A 280 18.61 5.27 -21.17
C HIS A 280 18.35 6.35 -22.23
N LYS A 281 17.63 7.39 -21.83
CA LYS A 281 17.32 8.50 -22.73
C LYS A 281 17.80 9.81 -22.12
N THR A 282 18.19 10.74 -22.98
CA THR A 282 18.64 12.06 -22.57
C THR A 282 17.88 13.12 -23.37
N TYR A 283 18.14 14.39 -23.08
CA TYR A 283 17.56 15.47 -23.88
C TYR A 283 18.26 15.58 -25.25
N ILE A 284 19.40 14.91 -25.38
CA ILE A 284 20.13 14.85 -26.64
C ILE A 284 19.42 13.91 -27.62
N ASP A 285 18.67 12.95 -27.07
CA ASP A 285 17.83 12.07 -27.88
C ASP A 285 16.70 12.84 -28.57
N LEU A 286 16.57 14.12 -28.23
CA LEU A 286 15.59 15.00 -28.86
C LEU A 286 16.10 15.61 -30.16
N ILE A 287 17.32 15.26 -30.56
CA ILE A 287 17.81 15.63 -31.89
C ILE A 287 17.17 14.71 -32.93
N PHE A 288 17.23 13.39 -32.68
CA PHE A 288 16.57 12.41 -33.52
C PHE A 288 15.65 11.54 -32.67
N PRO A 289 14.47 12.09 -32.30
CA PRO A 289 13.59 11.36 -31.40
C PRO A 289 12.79 10.25 -32.08
N ASP A 290 12.45 9.23 -31.32
CA ASP A 290 11.69 8.09 -31.80
C ASP A 290 10.27 8.20 -31.28
N CYS A 291 9.38 8.65 -32.15
CA CYS A 291 7.96 8.82 -31.83
C CYS A 291 7.16 7.52 -31.95
N LEU A 292 7.78 6.49 -32.54
CA LEU A 292 7.14 5.19 -32.72
C LEU A 292 7.61 4.17 -31.68
N ALA A 293 8.65 4.52 -30.92
CA ALA A 293 9.14 3.70 -29.83
C ALA A 293 8.03 3.45 -28.81
N PRO A 294 7.73 2.18 -28.54
CA PRO A 294 6.57 1.86 -27.68
C PRO A 294 6.85 2.07 -26.19
N ARG A 295 5.81 2.47 -25.47
CA ARG A 295 5.87 2.65 -24.03
C ARG A 295 4.62 2.02 -23.43
N VAL A 296 4.78 1.38 -22.26
CA VAL A 296 3.66 0.70 -21.58
C VAL A 296 2.66 1.72 -21.02
N MET A 297 1.37 1.35 -21.05
CA MET A 297 0.33 2.20 -20.47
C MET A 297 0.49 2.36 -18.96
N LEU A 298 -0.06 3.45 -18.43
CA LEU A 298 -0.09 3.68 -17.00
C LEU A 298 -1.52 3.59 -16.51
N GLU A 299 -1.80 2.60 -15.66
CA GLU A 299 -3.11 2.53 -15.00
C GLU A 299 -3.19 3.62 -13.95
N PRO A 300 -4.39 4.17 -13.71
CA PRO A 300 -4.55 5.18 -12.66
C PRO A 300 -4.14 4.64 -11.30
N ALA A 301 -3.42 5.46 -10.52
CA ALA A 301 -3.00 5.10 -9.17
C ALA A 301 -4.19 4.54 -8.35
N ALA A 302 -5.39 5.04 -8.63
CA ALA A 302 -6.66 4.49 -8.09
C ALA A 302 -6.73 4.47 -6.56
N GLU A 303 -5.85 3.71 -5.91
CA GLU A 303 -5.72 3.76 -4.45
C GLU A 303 -4.89 4.99 -4.05
N THR A 304 -5.22 5.57 -2.92
CA THR A 304 -4.44 6.68 -2.36
C THR A 304 -4.22 6.45 -0.89
N ILE A 305 -2.95 6.34 -0.51
CA ILE A 305 -2.51 6.30 0.89
C ILE A 305 -3.44 7.20 1.72
N PRO A 306 -4.26 6.60 2.59
CA PRO A 306 -5.15 7.43 3.42
C PRO A 306 -4.43 8.12 4.58
N GLN A 307 -3.22 7.69 4.89
CA GLN A 307 -2.45 8.11 6.08
C GLN A 307 -3.23 8.04 7.41
N THR A 308 -2.89 8.91 8.37
CA THR A 308 -3.45 8.84 9.72
C THR A 308 -3.38 10.17 10.49
N GLN A 309 -4.42 10.45 11.27
CA GLN A 309 -4.51 11.68 12.07
C GLN A 309 -3.53 11.73 13.24
N GLU A 310 -2.69 12.77 13.24
CA GLU A 310 -1.73 13.00 14.31
C GLU A 310 -1.31 14.47 14.31
N ILE A 311 -1.89 15.26 15.21
CA ILE A 311 -1.61 16.70 15.27
C ILE A 311 -0.21 16.98 15.80
N ILE A 312 0.60 17.68 15.01
CA ILE A 312 1.99 17.95 15.37
C ILE A 312 2.31 19.43 15.39
N SER A 313 3.30 19.79 16.20
CA SER A 313 3.75 21.17 16.35
C SER A 313 5.00 21.44 15.50
N VAL A 314 4.93 22.46 14.65
CA VAL A 314 6.08 22.89 13.83
C VAL A 314 6.33 24.38 14.05
N THR A 315 7.55 24.72 14.48
CA THR A 315 7.93 26.12 14.75
C THR A 315 8.42 26.80 13.49
N LEU A 316 7.64 27.76 13.00
CA LEU A 316 8.05 28.57 11.86
C LEU A 316 8.71 29.83 12.36
N GLN A 317 9.90 30.12 11.88
CA GLN A 317 10.58 31.34 12.29
C GLN A 317 11.21 32.10 11.14
N VAL A 318 11.05 33.42 11.17
CA VAL A 318 11.68 34.30 10.20
C VAL A 318 12.55 35.31 10.93
N LEU A 319 13.87 35.13 10.83
CA LEU A 319 14.83 36.15 11.24
C LEU A 319 14.95 37.11 10.07
N SER A 320 16.13 37.67 9.84
CA SER A 320 16.34 38.56 8.69
C SER A 320 15.18 39.54 8.40
N LEU A 321 14.48 39.96 9.46
CA LEU A 321 13.38 40.93 9.34
C LEU A 321 13.05 41.69 10.63
N LEU A 322 12.91 43.03 10.47
CA LEU A 322 12.37 43.99 11.46
C LEU A 322 12.30 43.46 12.91
N PRO A 323 11.08 43.15 13.49
CA PRO A 323 11.07 42.29 14.66
C PRO A 323 11.04 40.83 14.18
N PRO A 324 11.97 40.00 14.69
CA PRO A 324 11.99 38.62 14.24
C PRO A 324 10.66 37.93 14.54
N TYR A 325 10.14 37.20 13.57
CA TYR A 325 8.92 36.42 13.71
C TYR A 325 9.23 34.98 14.08
N ARG A 326 8.57 34.45 15.12
CA ARG A 326 8.61 33.00 15.40
C ARG A 326 7.37 32.52 16.15
N GLN A 327 6.68 31.53 15.57
CA GLN A 327 5.43 31.05 16.14
C GLN A 327 5.25 29.56 15.89
N SER A 328 4.96 28.84 16.97
CA SER A 328 4.72 27.42 16.89
C SER A 328 3.34 27.12 16.27
N ILE A 329 3.36 26.80 14.99
CA ILE A 329 2.15 26.43 14.26
C ILE A 329 1.83 24.96 14.50
N SER A 330 0.54 24.66 14.64
CA SER A 330 0.06 23.29 14.82
C SER A 330 -0.73 22.83 13.60
N VAL A 331 -0.23 21.77 12.95
CA VAL A 331 -0.84 21.21 11.74
C VAL A 331 -1.07 19.71 11.83
N LEU A 332 -1.78 19.16 10.86
CA LEU A 332 -1.97 17.72 10.75
C LEU A 332 -0.68 17.12 10.22
N ALA A 333 -0.34 15.92 10.67
CA ALA A 333 0.88 15.24 10.22
C ALA A 333 0.83 14.94 8.73
N GLY A 334 1.98 15.08 8.06
CA GLY A 334 2.04 14.92 6.62
C GLY A 334 1.79 16.23 5.89
N SER A 335 1.44 17.28 6.65
CA SER A 335 1.28 18.60 6.07
C SER A 335 2.57 19.05 5.42
N THR A 336 2.43 19.85 4.37
CA THR A 336 3.58 20.42 3.70
C THR A 336 3.94 21.76 4.33
N VAL A 337 5.16 22.25 4.09
CA VAL A 337 5.60 23.55 4.60
C VAL A 337 4.61 24.65 4.23
N GLU A 338 4.08 24.57 3.02
CA GLU A 338 3.07 25.49 2.52
C GLU A 338 1.81 25.50 3.40
N ASP A 339 1.45 24.34 3.95
CA ASP A 339 0.32 24.24 4.87
C ASP A 339 0.61 25.02 6.15
N VAL A 340 1.83 24.87 6.65
CA VAL A 340 2.30 25.58 7.84
C VAL A 340 2.27 27.07 7.56
N LEU A 341 2.82 27.47 6.40
CA LEU A 341 2.74 28.85 5.93
C LEU A 341 1.29 29.31 5.85
N LYS A 342 0.43 28.50 5.23
CA LYS A 342 -0.99 28.82 5.11
C LYS A 342 -1.65 29.06 6.48
N LYS A 343 -1.45 28.15 7.42
CA LYS A 343 -2.07 28.29 8.76
C LYS A 343 -1.60 29.53 9.50
N ALA A 344 -0.33 29.88 9.33
CA ALA A 344 0.26 31.03 9.98
C ALA A 344 -0.41 32.33 9.55
N HIS A 345 -0.68 32.44 8.24
CA HIS A 345 -1.32 33.63 7.67
C HIS A 345 -2.71 33.84 8.25
N GLU A 346 -3.46 32.76 8.35
CA GLU A 346 -4.82 32.82 8.88
C GLU A 346 -4.85 32.90 10.40
N LEU A 347 -3.80 32.38 11.04
CA LEU A 347 -3.73 32.37 12.49
C LEU A 347 -3.48 33.76 13.06
N GLY A 348 -2.47 34.43 12.53
CA GLY A 348 -2.07 35.74 13.05
C GLY A 348 -1.38 36.62 12.04
N GLY A 349 -0.40 37.39 12.52
CA GLY A 349 0.31 38.33 11.68
C GLY A 349 1.43 37.67 10.93
N PHE A 350 1.10 37.10 9.79
CA PHE A 350 2.09 36.51 8.88
C PHE A 350 1.54 36.52 7.46
N THR A 351 2.37 36.91 6.50
CA THR A 351 2.03 36.86 5.08
C THR A 351 3.19 36.34 4.25
N TYR A 352 2.90 35.97 3.01
CA TYR A 352 3.89 35.43 2.08
C TYR A 352 3.34 35.44 0.65
N GLU A 353 4.23 35.65 -0.32
CA GLU A 353 3.84 35.58 -1.72
C GLU A 353 4.63 34.46 -2.38
N THR A 354 3.98 33.75 -3.30
CA THR A 354 4.65 32.74 -4.12
C THR A 354 4.47 33.05 -5.61
N GLN A 355 5.25 32.39 -6.45
CA GLN A 355 5.01 32.37 -7.89
C GLN A 355 4.90 30.93 -8.35
N ALA A 356 4.14 30.70 -9.40
CA ALA A 356 4.09 29.39 -10.01
C ALA A 356 5.41 29.14 -10.73
N SER A 357 5.71 27.86 -10.95
CA SER A 357 6.89 27.46 -11.73
C SER A 357 6.83 25.97 -12.03
N LEU A 358 7.55 25.54 -13.07
CA LEU A 358 7.59 24.13 -13.47
C LEU A 358 7.96 23.20 -12.31
N SER A 359 8.42 23.81 -11.21
CA SER A 359 8.88 23.10 -10.03
C SER A 359 7.85 23.19 -8.89
N GLY A 360 6.88 24.08 -9.03
CA GLY A 360 5.84 24.28 -8.03
C GLY A 360 5.83 25.70 -7.51
N PRO A 361 5.07 25.97 -6.42
CA PRO A 361 5.08 27.29 -5.79
C PRO A 361 6.47 27.72 -5.28
N TYR A 362 6.93 28.85 -5.80
CA TYR A 362 8.24 29.42 -5.46
C TYR A 362 8.05 30.59 -4.52
N LEU A 363 8.63 30.51 -3.33
CA LEU A 363 8.47 31.56 -2.32
C LEU A 363 9.26 32.81 -2.69
N THR A 364 8.56 33.94 -2.80
CA THR A 364 9.18 35.19 -3.27
C THR A 364 9.17 36.33 -2.25
N SER A 365 8.15 36.37 -1.40
CA SER A 365 8.03 37.41 -0.39
C SER A 365 7.60 36.82 0.94
N VAL A 366 8.22 37.29 2.01
CA VAL A 366 7.86 36.87 3.36
C VAL A 366 7.74 38.08 4.27
N MET A 367 6.65 38.14 5.04
CA MET A 367 6.36 39.26 5.94
C MET A 367 6.46 40.60 5.24
N GLY A 368 6.03 40.65 3.99
CA GLY A 368 6.04 41.87 3.20
C GLY A 368 7.39 42.26 2.62
N LYS A 369 8.38 41.38 2.76
CA LYS A 369 9.69 41.63 2.18
C LYS A 369 9.93 40.74 0.96
N ALA A 370 9.68 41.30 -0.22
CA ALA A 370 9.93 40.62 -1.49
C ALA A 370 11.43 40.53 -1.75
N ALA A 371 11.89 39.33 -2.13
CA ALA A 371 13.30 39.13 -2.46
C ALA A 371 13.76 40.08 -3.56
N GLY A 372 14.88 40.74 -3.31
CA GLY A 372 15.47 41.66 -4.28
C GLY A 372 16.16 40.97 -5.44
N GLU A 373 17.29 41.54 -5.89
CA GLU A 373 17.99 41.04 -7.06
C GLU A 373 18.63 39.69 -6.82
N ARG A 374 19.94 39.62 -6.65
CA ARG A 374 20.58 38.34 -6.48
C ARG A 374 20.44 37.79 -5.06
N GLU A 375 19.26 38.00 -4.49
CA GLU A 375 18.89 37.41 -3.21
C GLU A 375 17.70 36.47 -3.42
N PHE A 376 17.51 35.53 -2.51
CA PHE A 376 16.33 34.65 -2.56
C PHE A 376 15.96 34.18 -1.17
N TRP A 377 14.69 33.81 -0.99
CA TRP A 377 14.20 33.33 0.30
C TRP A 377 14.50 31.85 0.53
N GLN A 378 15.59 31.58 1.23
CA GLN A 378 16.05 30.22 1.49
C GLN A 378 15.15 29.50 2.49
N LEU A 379 14.96 28.20 2.27
CA LEU A 379 14.24 27.36 3.23
C LEU A 379 15.24 26.52 4.01
N LEU A 380 15.10 26.51 5.34
CA LEU A 380 16.03 25.81 6.20
C LEU A 380 15.33 25.05 7.30
N ARG A 381 15.93 23.93 7.71
CA ARG A 381 15.48 23.16 8.85
C ARG A 381 16.53 23.27 9.93
N ASP A 382 16.13 23.73 11.10
CA ASP A 382 17.06 23.95 12.21
C ASP A 382 17.75 22.64 12.61
N PRO A 383 19.08 22.66 12.82
CA PRO A 383 20.01 23.79 12.78
C PRO A 383 20.72 24.03 11.44
N ASN A 384 20.34 25.13 10.78
CA ASN A 384 21.07 25.68 9.61
C ASN A 384 21.25 24.79 8.38
N THR A 385 20.47 23.72 8.30
CA THR A 385 20.55 22.82 7.15
C THR A 385 19.48 23.18 6.13
N PRO A 386 19.90 23.72 4.96
CA PRO A 386 18.95 24.11 3.92
C PRO A 386 18.15 22.92 3.39
N LEU A 387 16.90 23.18 3.05
CA LEU A 387 15.99 22.13 2.58
C LEU A 387 16.31 21.72 1.15
N LEU A 388 16.14 20.42 0.87
CA LEU A 388 16.34 19.90 -0.48
C LEU A 388 15.04 19.89 -1.28
N GLN A 389 13.97 20.42 -0.68
CA GLN A 389 12.65 20.46 -1.32
C GLN A 389 11.99 21.80 -1.07
N GLY A 390 10.98 22.11 -1.89
CA GLY A 390 10.23 23.36 -1.76
C GLY A 390 9.08 23.29 -0.78
N ILE A 391 8.47 24.44 -0.50
CA ILE A 391 7.41 24.55 0.50
C ILE A 391 6.29 23.54 0.28
N ALA A 392 6.17 23.05 -0.95
CA ALA A 392 5.07 22.17 -1.33
C ALA A 392 5.49 20.70 -1.45
N ASP A 393 6.73 20.38 -1.11
CA ASP A 393 7.17 18.99 -1.16
C ASP A 393 7.79 18.53 0.14
N TYR A 394 8.25 19.48 0.95
CA TYR A 394 8.81 19.16 2.25
C TYR A 394 7.70 18.98 3.27
N ARG A 395 7.67 17.81 3.89
CA ARG A 395 6.69 17.50 4.93
C ARG A 395 7.39 17.37 6.29
N PRO A 396 7.43 18.48 7.05
CA PRO A 396 8.16 18.53 8.33
C PRO A 396 7.64 17.54 9.36
N LYS A 397 8.49 17.17 10.32
CA LYS A 397 8.09 16.26 11.40
C LYS A 397 7.74 17.04 12.68
N ASP A 398 7.19 16.34 13.67
CA ASP A 398 6.80 16.97 14.93
C ASP A 398 8.00 17.61 15.63
N GLY A 399 7.79 18.84 16.11
CA GLY A 399 8.82 19.57 16.85
C GLY A 399 9.95 20.11 15.99
N GLU A 400 9.73 20.21 14.69
CA GLU A 400 10.75 20.70 13.79
C GLU A 400 10.61 22.21 13.65
N THR A 401 11.72 22.88 13.36
CA THR A 401 11.74 24.32 13.13
C THR A 401 12.11 24.63 11.68
N ILE A 402 11.30 25.48 11.05
CA ILE A 402 11.56 25.93 9.69
C ILE A 402 11.92 27.42 9.72
N GLU A 403 13.07 27.75 9.14
CA GLU A 403 13.47 29.15 8.95
C GLU A 403 13.34 29.59 7.49
N LEU A 404 12.74 30.76 7.29
CA LEU A 404 12.74 31.40 5.99
C LEU A 404 13.76 32.52 6.03
N ARG A 405 14.84 32.35 5.30
CA ARG A 405 16.00 33.24 5.39
C ARG A 405 16.30 33.90 4.05
N LEU A 406 16.50 35.22 4.09
CA LEU A 406 16.83 35.96 2.88
C LEU A 406 18.34 36.06 2.69
N VAL A 407 18.89 35.07 1.98
CA VAL A 407 20.30 35.05 1.60
C VAL A 407 20.48 35.72 0.24
N SER A 408 21.73 36.02 -0.12
CA SER A 408 22.04 36.56 -1.45
C SER A 408 23.09 35.68 -2.11
N TRP A 409 22.85 35.28 -3.35
CA TRP A 409 23.83 34.47 -4.09
C TRP A 409 24.36 35.17 -5.34
N GLU B 1 -36.05 -26.77 0.62
CA GLU B 1 -37.03 -26.32 1.65
C GLU B 1 -36.90 -24.82 1.99
N MET B 2 -37.55 -24.38 3.07
CA MET B 2 -37.79 -22.95 3.35
C MET B 2 -36.55 -22.06 3.51
N CYS B 3 -35.58 -22.52 4.29
CA CYS B 3 -34.29 -21.83 4.34
C CYS B 3 -33.31 -22.63 3.49
N GLU B 4 -33.40 -22.44 2.18
CA GLU B 4 -32.46 -23.08 1.27
C GLU B 4 -31.85 -22.14 0.23
N ILE B 5 -30.57 -22.38 -0.01
CA ILE B 5 -29.80 -21.71 -1.03
C ILE B 5 -29.78 -22.65 -2.24
N PRO B 6 -30.22 -22.14 -3.42
CA PRO B 6 -30.05 -22.92 -4.66
C PRO B 6 -28.57 -23.16 -4.95
N GLU B 7 -28.29 -24.19 -5.74
CA GLU B 7 -26.93 -24.54 -6.15
C GLU B 7 -26.21 -23.33 -6.77
N MET B 8 -24.88 -23.29 -6.62
CA MET B 8 -24.07 -22.24 -7.21
C MET B 8 -23.29 -22.72 -8.43
N ASP B 9 -22.58 -21.78 -9.08
CA ASP B 9 -21.72 -22.11 -10.21
C ASP B 9 -20.73 -23.19 -9.82
N SER B 10 -20.86 -24.35 -10.47
CA SER B 10 -20.06 -25.54 -10.16
C SER B 10 -18.57 -25.23 -9.97
N HIS B 11 -18.05 -24.33 -10.78
CA HIS B 11 -16.64 -23.95 -10.73
C HIS B 11 -16.27 -22.98 -9.61
N LEU B 12 -17.27 -22.35 -8.99
CA LEU B 12 -17.00 -21.46 -7.85
C LEU B 12 -16.78 -22.28 -6.59
N VAL B 13 -17.54 -23.37 -6.48
CA VAL B 13 -17.37 -24.35 -5.40
C VAL B 13 -16.01 -25.03 -5.55
N GLU B 14 -15.71 -25.44 -6.79
CA GLU B 14 -14.45 -26.10 -7.13
C GLU B 14 -13.26 -25.20 -6.80
N LYS B 15 -13.42 -23.91 -7.07
CA LYS B 15 -12.44 -22.91 -6.73
C LYS B 15 -12.11 -22.93 -5.22
N LEU B 16 -13.15 -23.02 -4.38
CA LEU B 16 -12.97 -23.06 -2.92
C LEU B 16 -12.26 -24.33 -2.47
N GLY B 17 -12.70 -25.47 -3.00
CA GLY B 17 -12.08 -26.76 -2.71
C GLY B 17 -10.59 -26.79 -3.04
N GLN B 18 -10.21 -26.09 -4.10
CA GLN B 18 -8.82 -25.99 -4.51
C GLN B 18 -7.94 -25.22 -3.50
N HIS B 19 -8.56 -24.32 -2.72
CA HIS B 19 -7.85 -23.65 -1.63
C HIS B 19 -7.51 -24.60 -0.49
N LEU B 20 -8.34 -25.62 -0.29
CA LEU B 20 -8.15 -26.61 0.78
C LEU B 20 -7.07 -27.62 0.44
N LEU B 21 -6.92 -27.87 -0.86
CA LEU B 21 -6.03 -28.91 -1.39
C LEU B 21 -4.59 -28.89 -0.86
N PRO B 22 -3.94 -27.71 -0.76
CA PRO B 22 -2.58 -27.72 -0.21
C PRO B 22 -2.51 -28.03 1.30
N TRP B 23 -3.65 -28.02 2.00
CA TRP B 23 -3.65 -28.33 3.44
C TRP B 23 -3.64 -29.81 3.74
N MET B 24 -4.10 -30.60 2.77
CA MET B 24 -4.17 -32.06 2.88
C MET B 24 -2.80 -32.69 2.96
N ASP B 25 -1.75 -31.88 2.92
CA ASP B 25 -0.38 -32.37 2.98
C ASP B 25 0.37 -31.89 4.20
N ARG B 26 -0.15 -30.86 4.86
CA ARG B 26 0.43 -30.37 6.10
C ARG B 26 -0.14 -31.16 7.28
N LEU B 27 0.42 -32.35 7.48
CA LEU B 27 -0.06 -33.29 8.50
C LEU B 27 0.63 -33.06 9.86
N SER B 28 1.39 -31.97 9.96
CA SER B 28 2.04 -31.54 11.19
C SER B 28 1.01 -31.35 12.31
N LEU B 29 1.37 -31.77 13.52
CA LEU B 29 0.47 -31.66 14.67
C LEU B 29 -0.06 -30.24 14.88
N GLU B 30 0.72 -29.24 14.49
CA GLU B 30 0.32 -27.84 14.61
C GLU B 30 -0.28 -27.30 13.30
N HIS B 31 -0.78 -28.21 12.47
CA HIS B 31 -1.45 -27.83 11.23
C HIS B 31 -2.61 -28.75 10.86
N LEU B 32 -2.80 -29.82 11.63
CA LEU B 32 -3.94 -30.70 11.41
C LEU B 32 -5.22 -29.99 11.84
N ASN B 33 -6.23 -30.04 10.97
CA ASN B 33 -7.45 -29.29 11.17
C ASN B 33 -8.71 -30.12 10.92
N PRO B 34 -9.33 -30.65 12.01
CA PRO B 34 -10.54 -31.48 11.93
C PRO B 34 -11.68 -30.79 11.17
N SER B 35 -11.69 -29.47 11.19
CA SER B 35 -12.75 -28.70 10.54
C SER B 35 -12.67 -28.81 9.02
N ILE B 36 -11.44 -28.87 8.51
CA ILE B 36 -11.18 -29.07 7.08
C ILE B 36 -11.75 -30.41 6.62
N TYR B 37 -11.35 -31.49 7.30
CA TYR B 37 -11.83 -32.82 6.98
C TYR B 37 -13.36 -32.88 6.98
N VAL B 38 -13.98 -32.37 8.04
CA VAL B 38 -15.45 -32.29 8.15
C VAL B 38 -15.98 -31.47 7.00
N GLY B 39 -15.29 -30.38 6.69
CA GLY B 39 -15.63 -29.55 5.55
C GLY B 39 -15.77 -30.34 4.26
N LEU B 40 -14.74 -31.10 3.92
CA LEU B 40 -14.72 -31.85 2.66
C LEU B 40 -15.81 -32.92 2.60
N ARG B 41 -15.87 -33.77 3.62
CA ARG B 41 -16.81 -34.88 3.64
C ARG B 41 -18.25 -34.43 3.44
N LEU B 42 -18.58 -33.25 3.97
CA LEU B 42 -19.93 -32.71 3.87
C LEU B 42 -20.14 -31.88 2.60
N SER B 43 -19.08 -31.68 1.82
CA SER B 43 -19.18 -30.89 0.59
C SER B 43 -19.54 -31.77 -0.59
N SER B 44 -19.63 -31.15 -1.77
CA SER B 44 -19.83 -31.85 -3.03
C SER B 44 -18.49 -32.22 -3.66
N LEU B 45 -17.40 -31.85 -2.99
CA LEU B 45 -16.05 -32.10 -3.46
C LEU B 45 -15.34 -33.13 -2.59
N GLN B 46 -14.39 -33.83 -3.17
CA GLN B 46 -13.64 -34.85 -2.48
C GLN B 46 -12.18 -34.77 -2.89
N ALA B 47 -11.29 -34.73 -1.92
CA ALA B 47 -9.86 -34.68 -2.20
C ALA B 47 -9.42 -35.93 -2.98
N GLY B 48 -9.46 -37.08 -2.33
CA GLY B 48 -8.98 -38.32 -2.93
C GLY B 48 -8.41 -39.17 -1.84
N THR B 49 -7.32 -39.88 -2.14
CA THR B 49 -6.67 -40.75 -1.15
C THR B 49 -6.07 -39.94 -0.01
N LYS B 50 -5.64 -38.71 -0.31
CA LYS B 50 -5.12 -37.77 0.69
C LYS B 50 -6.00 -37.69 1.93
N GLU B 51 -7.33 -37.72 1.72
CA GLU B 51 -8.33 -37.66 2.81
C GLU B 51 -8.09 -38.70 3.90
N ASP B 52 -8.04 -39.97 3.51
CA ASP B 52 -7.88 -41.08 4.46
C ASP B 52 -6.63 -40.93 5.31
N LEU B 53 -5.55 -40.50 4.65
CA LEU B 53 -4.27 -40.29 5.32
C LEU B 53 -4.35 -39.12 6.29
N TYR B 54 -5.13 -38.11 5.90
CA TYR B 54 -5.35 -36.93 6.76
C TYR B 54 -6.09 -37.32 8.05
N LEU B 55 -7.14 -38.11 7.89
CA LEU B 55 -7.94 -38.61 9.00
C LEU B 55 -7.13 -39.52 9.91
N HIS B 56 -6.23 -40.30 9.30
CA HIS B 56 -5.37 -41.21 10.03
C HIS B 56 -4.40 -40.43 10.91
N SER B 57 -3.88 -39.32 10.37
CA SER B 57 -2.98 -38.46 11.11
C SER B 57 -3.73 -37.79 12.26
N LEU B 58 -4.99 -37.41 12.01
CA LEU B 58 -5.86 -36.86 13.03
C LEU B 58 -6.06 -37.84 14.16
N LYS B 59 -6.44 -39.07 13.84
CA LYS B 59 -6.59 -40.13 14.82
C LYS B 59 -5.29 -40.35 15.59
N LEU B 60 -4.17 -40.33 14.87
CA LEU B 60 -2.87 -40.55 15.47
C LEU B 60 -2.53 -39.44 16.45
N GLY B 61 -2.36 -38.23 15.93
CA GLY B 61 -1.98 -37.08 16.73
C GLY B 61 -2.89 -36.83 17.91
N TYR B 62 -4.18 -36.66 17.63
CA TYR B 62 -5.17 -36.34 18.65
C TYR B 62 -5.28 -37.36 19.79
N GLN B 63 -5.10 -38.65 19.47
CA GLN B 63 -5.12 -39.67 20.51
C GLN B 63 -3.76 -39.84 21.18
N GLN B 64 -2.70 -39.93 20.40
CA GLN B 64 -1.32 -40.04 20.91
C GLN B 64 -0.97 -38.96 21.94
N CYS B 65 -1.51 -37.76 21.75
CA CYS B 65 -1.21 -36.60 22.60
C CYS B 65 -2.16 -36.41 23.79
N LEU B 66 -3.45 -36.66 23.58
CA LEU B 66 -4.47 -36.49 24.62
C LEU B 66 -4.62 -37.72 25.52
N LEU B 67 -4.06 -38.84 25.09
CA LEU B 67 -4.05 -40.07 25.89
C LEU B 67 -2.75 -40.87 25.69
N GLY B 68 -2.00 -41.04 26.77
CA GLY B 68 -0.78 -41.85 26.72
C GLY B 68 0.43 -41.26 27.44
N SER B 69 0.66 -41.73 28.66
CA SER B 69 1.90 -41.46 29.40
C SER B 69 2.02 -42.42 30.59
N ALA B 70 0.96 -43.21 30.78
CA ALA B 70 0.74 -44.02 31.98
C ALA B 70 0.57 -43.14 33.23
N PHE B 71 1.62 -43.03 34.03
CA PHE B 71 1.57 -42.29 35.31
C PHE B 71 2.25 -40.91 35.23
N SER B 72 2.32 -40.35 34.01
CA SER B 72 2.87 -39.00 33.73
C SER B 72 4.31 -38.73 34.20
N GLU B 73 5.26 -38.78 33.25
CA GLU B 73 6.67 -38.52 33.56
C GLU B 73 6.96 -37.01 33.71
N ASP B 74 6.76 -36.27 32.62
CA ASP B 74 6.83 -34.78 32.57
C ASP B 74 8.14 -34.17 32.05
N ASP B 75 7.99 -33.11 31.24
CA ASP B 75 9.12 -32.35 30.67
C ASP B 75 8.71 -30.92 30.28
N GLY B 76 7.40 -30.72 30.04
CA GLY B 76 6.85 -29.42 29.59
C GLY B 76 5.58 -29.63 28.78
N ASP B 77 5.72 -29.61 27.45
CA ASP B 77 4.67 -30.08 26.51
C ASP B 77 5.25 -30.43 25.12
N CYS B 78 5.69 -31.69 24.96
CA CYS B 78 6.35 -32.20 23.74
C CYS B 78 5.40 -32.42 22.55
N GLN B 79 4.29 -31.68 22.58
CA GLN B 79 3.27 -31.71 21.55
C GLN B 79 2.46 -30.41 21.60
N GLY B 80 2.32 -29.85 22.80
CA GLY B 80 1.45 -28.70 23.02
C GLY B 80 0.04 -29.14 23.36
N LYS B 81 -0.36 -30.28 22.76
CA LYS B 81 -1.66 -30.91 22.97
C LYS B 81 -2.79 -30.14 22.30
N PRO B 82 -3.70 -30.85 21.61
CA PRO B 82 -4.93 -30.23 21.12
C PRO B 82 -5.78 -29.71 22.28
N SER B 83 -6.43 -28.56 22.08
CA SER B 83 -7.36 -28.00 23.06
C SER B 83 -8.60 -28.88 23.17
N MET B 84 -9.32 -28.78 24.28
CA MET B 84 -10.56 -29.52 24.42
C MET B 84 -11.58 -29.08 23.38
N GLY B 85 -11.56 -27.79 23.04
CA GLY B 85 -12.34 -27.26 21.93
C GLY B 85 -11.99 -27.96 20.63
N GLN B 86 -10.69 -28.19 20.43
CA GLN B 86 -10.19 -28.89 19.23
C GLN B 86 -10.59 -30.36 19.21
N LEU B 87 -10.54 -31.00 20.38
CA LEU B 87 -10.96 -32.40 20.54
C LEU B 87 -12.40 -32.57 20.14
N ALA B 88 -13.23 -31.60 20.51
CA ALA B 88 -14.64 -31.61 20.14
C ALA B 88 -14.80 -31.73 18.63
N LEU B 89 -14.05 -30.93 17.88
CA LEU B 89 -14.12 -30.96 16.41
C LEU B 89 -13.61 -32.26 15.82
N TYR B 90 -12.55 -32.81 16.41
CA TYR B 90 -12.04 -34.12 16.00
C TYR B 90 -13.13 -35.17 16.09
N LEU B 91 -14.02 -35.03 17.07
CA LEU B 91 -15.14 -35.94 17.22
C LEU B 91 -16.11 -35.84 16.05
N LEU B 92 -16.33 -34.62 15.56
CA LEU B 92 -17.15 -34.42 14.35
C LEU B 92 -16.46 -35.01 13.12
N ALA B 93 -15.13 -34.98 13.14
CA ALA B 93 -14.33 -35.57 12.08
C ALA B 93 -14.57 -37.07 12.03
N LEU B 94 -14.56 -37.72 13.19
CA LEU B 94 -14.86 -39.14 13.28
C LEU B 94 -16.23 -39.42 12.68
N ARG B 95 -17.23 -38.63 13.09
CA ARG B 95 -18.59 -38.75 12.57
C ARG B 95 -18.63 -38.61 11.05
N ALA B 96 -17.80 -37.72 10.52
CA ALA B 96 -17.72 -37.46 9.07
C ALA B 96 -17.34 -38.71 8.30
N ASN B 97 -16.69 -39.65 8.99
CA ASN B 97 -16.36 -40.94 8.42
C ASN B 97 -17.26 -42.04 8.97
N CYS B 98 -18.42 -41.64 9.51
CA CYS B 98 -19.40 -42.59 10.04
C CYS B 98 -18.82 -43.46 11.15
N GLU B 99 -18.23 -42.81 12.15
CA GLU B 99 -17.56 -43.52 13.24
C GLU B 99 -17.93 -42.95 14.61
N PHE B 100 -18.05 -43.84 15.60
CA PHE B 100 -18.14 -43.43 16.99
C PHE B 100 -16.82 -43.73 17.69
N VAL B 101 -16.53 -42.95 18.73
CA VAL B 101 -15.34 -43.14 19.55
C VAL B 101 -15.24 -44.58 20.06
N ARG B 102 -14.22 -45.30 19.60
CA ARG B 102 -14.13 -46.74 19.86
C ARG B 102 -13.00 -47.13 20.81
N GLY B 103 -13.31 -48.03 21.73
CA GLY B 103 -12.34 -48.55 22.69
C GLY B 103 -12.25 -47.77 23.99
N HIS B 104 -11.18 -48.05 24.75
CA HIS B 104 -10.88 -47.34 25.99
C HIS B 104 -10.48 -45.92 25.69
N LYS B 105 -9.60 -45.77 24.71
CA LYS B 105 -9.14 -44.47 24.23
C LYS B 105 -10.35 -43.59 23.84
N GLY B 106 -11.40 -44.22 23.34
CA GLY B 106 -12.67 -43.56 23.08
C GLY B 106 -13.31 -43.09 24.38
N ASP B 107 -13.43 -44.02 25.33
CA ASP B 107 -13.99 -43.74 26.65
C ASP B 107 -13.21 -42.65 27.38
N ARG B 108 -11.89 -42.65 27.21
CA ARG B 108 -11.01 -41.66 27.81
C ARG B 108 -11.27 -40.27 27.24
N LEU B 109 -11.30 -40.15 25.90
CA LEU B 109 -11.52 -38.86 25.24
C LEU B 109 -12.88 -38.28 25.59
N VAL B 110 -13.94 -39.08 25.45
CA VAL B 110 -15.28 -38.68 25.86
C VAL B 110 -15.25 -38.17 27.30
N SER B 111 -14.64 -38.96 28.19
CA SER B 111 -14.52 -38.59 29.60
C SER B 111 -13.81 -37.24 29.75
N GLN B 112 -12.74 -37.04 28.98
CA GLN B 112 -12.00 -35.79 29.02
C GLN B 112 -12.85 -34.57 28.64
N LEU B 113 -13.65 -34.71 27.58
CA LEU B 113 -14.48 -33.62 27.08
C LEU B 113 -15.66 -33.32 28.01
N LYS B 114 -16.16 -34.35 28.69
CA LYS B 114 -17.21 -34.15 29.70
C LYS B 114 -16.65 -33.36 30.87
N TRP B 115 -15.37 -33.58 31.17
CA TRP B 115 -14.68 -32.87 32.25
C TRP B 115 -14.44 -31.40 31.93
N PHE B 116 -14.07 -31.12 30.68
CA PHE B 116 -13.87 -29.76 30.20
C PHE B 116 -15.12 -28.90 30.39
N LEU B 117 -16.25 -29.42 29.93
CA LEU B 117 -17.54 -28.75 30.10
C LEU B 117 -17.91 -28.56 31.57
N GLU B 118 -17.52 -29.52 32.40
CA GLU B 118 -17.78 -29.45 33.83
C GLU B 118 -16.97 -28.34 34.49
N ASP B 119 -15.71 -28.19 34.07
CA ASP B 119 -14.84 -27.12 34.55
C ASP B 119 -15.35 -25.77 34.09
N GLU B 120 -15.84 -25.71 32.85
CA GLU B 120 -16.41 -24.47 32.30
C GLU B 120 -17.76 -24.12 32.94
N LYS B 121 -18.36 -25.10 33.62
CA LYS B 121 -19.60 -24.88 34.35
C LYS B 121 -19.30 -24.31 35.74
N ARG B 122 -18.18 -24.73 36.32
CA ARG B 122 -17.70 -24.19 37.60
C ARG B 122 -17.21 -22.78 37.38
N ALA B 123 -16.52 -22.59 36.25
CA ALA B 123 -15.98 -21.29 35.85
C ALA B 123 -17.06 -20.22 35.82
N ILE B 124 -18.24 -20.58 35.32
CA ILE B 124 -19.38 -19.68 35.27
C ILE B 124 -19.95 -19.45 36.68
N GLY B 125 -20.09 -20.55 37.44
CA GLY B 125 -20.64 -20.49 38.80
C GLY B 125 -22.11 -20.10 38.80
N HIS B 126 -22.99 -21.09 38.94
CA HIS B 126 -24.46 -20.96 38.78
C HIS B 126 -24.89 -20.28 37.45
N ASP B 127 -26.10 -19.69 37.42
CA ASP B 127 -26.61 -19.07 36.19
C ASP B 127 -26.34 -17.56 36.05
N HIS B 128 -25.36 -17.04 36.80
CA HIS B 128 -25.03 -15.60 36.76
C HIS B 128 -23.60 -15.26 37.20
N LYS B 129 -23.03 -14.21 36.58
CA LYS B 129 -21.72 -13.63 36.91
C LYS B 129 -20.52 -14.57 36.87
N GLY B 130 -19.79 -14.51 35.76
CA GLY B 130 -18.67 -15.42 35.54
C GLY B 130 -18.64 -15.90 34.11
N HIS B 131 -17.45 -15.92 33.53
CA HIS B 131 -17.27 -16.31 32.13
C HIS B 131 -16.63 -17.69 32.08
N PRO B 132 -16.86 -18.42 30.96
CA PRO B 132 -16.07 -19.62 30.71
C PRO B 132 -14.62 -19.25 30.49
N HIS B 133 -13.71 -20.19 30.76
CA HIS B 133 -12.28 -19.95 30.53
C HIS B 133 -11.99 -19.86 29.04
N THR B 134 -12.72 -20.61 28.23
CA THR B 134 -12.60 -20.53 26.77
C THR B 134 -13.62 -19.55 26.19
N SER B 135 -14.80 -20.06 25.88
CA SER B 135 -15.89 -19.27 25.28
C SER B 135 -17.14 -20.13 25.15
N TYR B 136 -18.31 -19.50 25.23
CA TYR B 136 -19.59 -20.20 25.04
C TYR B 136 -19.66 -20.91 23.69
N TYR B 137 -18.79 -20.52 22.77
CA TYR B 137 -18.73 -21.16 21.46
C TYR B 137 -18.18 -22.57 21.56
N GLN B 138 -17.05 -22.73 22.25
CA GLN B 138 -16.48 -24.06 22.49
C GLN B 138 -17.40 -24.85 23.40
N TYR B 139 -18.01 -24.15 24.35
CA TYR B 139 -18.99 -24.74 25.25
C TYR B 139 -20.14 -25.38 24.48
N GLY B 140 -20.67 -24.63 23.51
CA GLY B 140 -21.70 -25.14 22.62
C GLY B 140 -21.21 -26.26 21.71
N LEU B 141 -19.95 -26.18 21.31
CA LEU B 141 -19.33 -27.19 20.46
C LEU B 141 -18.97 -28.45 21.24
N GLY B 142 -18.69 -28.30 22.53
CA GLY B 142 -18.45 -29.43 23.41
C GLY B 142 -19.70 -30.26 23.55
N ILE B 143 -20.80 -29.60 23.93
CA ILE B 143 -22.11 -30.24 24.02
C ILE B 143 -22.52 -30.91 22.70
N LEU B 144 -22.40 -30.18 21.60
CA LEU B 144 -22.74 -30.72 20.27
C LEU B 144 -21.94 -31.96 19.94
N ALA B 145 -20.63 -31.92 20.23
CA ALA B 145 -19.75 -33.03 19.93
C ALA B 145 -20.23 -34.31 20.58
N LEU B 146 -20.38 -34.28 21.90
CA LEU B 146 -20.76 -35.47 22.65
C LEU B 146 -22.14 -35.98 22.24
N CYS B 147 -23.03 -35.05 21.93
CA CYS B 147 -24.38 -35.36 21.47
C CYS B 147 -24.34 -36.15 20.15
N LEU B 148 -23.34 -35.87 19.32
CA LEU B 148 -23.20 -36.56 18.04
C LEU B 148 -22.61 -37.96 18.21
N HIS B 149 -21.99 -38.20 19.35
CA HIS B 149 -21.42 -39.51 19.67
C HIS B 149 -22.31 -40.28 20.64
N GLN B 150 -23.57 -39.85 20.73
CA GLN B 150 -24.57 -40.47 21.59
C GLN B 150 -24.11 -40.56 23.05
N LYS B 151 -23.55 -39.45 23.51
CA LYS B 151 -23.11 -39.30 24.89
C LYS B 151 -23.81 -38.09 25.46
N ARG B 152 -24.49 -38.27 26.59
CA ARG B 152 -25.25 -37.19 27.20
C ARG B 152 -24.47 -36.46 28.27
N VAL B 153 -24.78 -35.18 28.46
CA VAL B 153 -24.24 -34.41 29.58
C VAL B 153 -25.34 -34.12 30.58
N HIS B 154 -24.95 -33.84 31.82
CA HIS B 154 -25.91 -33.54 32.88
C HIS B 154 -26.65 -32.23 32.61
N ASP B 155 -27.87 -32.12 33.11
CA ASP B 155 -28.70 -30.95 32.88
C ASP B 155 -28.03 -29.65 33.33
N SER B 156 -27.22 -29.73 34.38
CA SER B 156 -26.50 -28.57 34.90
C SER B 156 -25.53 -27.95 33.89
N VAL B 157 -25.00 -28.79 32.99
CA VAL B 157 -24.15 -28.31 31.90
C VAL B 157 -24.97 -27.60 30.83
N VAL B 158 -26.07 -28.23 30.39
CA VAL B 158 -26.96 -27.63 29.40
C VAL B 158 -27.53 -26.31 29.92
N ASP B 159 -27.85 -26.27 31.22
CA ASP B 159 -28.37 -25.09 31.87
C ASP B 159 -27.61 -23.83 31.50
N LYS B 160 -26.29 -23.90 31.57
CA LYS B 160 -25.46 -22.72 31.32
C LYS B 160 -25.55 -22.25 29.89
N LEU B 161 -25.65 -23.19 28.95
CA LEU B 161 -25.81 -22.84 27.54
C LEU B 161 -27.18 -22.24 27.28
N LEU B 162 -28.20 -22.82 27.91
CA LEU B 162 -29.56 -22.30 27.83
C LEU B 162 -29.63 -20.83 28.23
N TYR B 163 -28.99 -20.50 29.35
CA TYR B 163 -29.04 -19.17 29.94
C TYR B 163 -28.34 -18.09 29.10
N ALA B 164 -27.20 -18.44 28.50
CA ALA B 164 -26.42 -17.52 27.69
C ALA B 164 -27.19 -17.01 26.48
N VAL B 165 -28.16 -17.80 26.02
CA VAL B 165 -28.93 -17.50 24.83
C VAL B 165 -29.79 -16.23 24.96
N GLU B 166 -30.49 -16.08 26.09
CA GLU B 166 -31.42 -14.96 26.29
C GLU B 166 -30.83 -13.55 26.00
N PRO B 167 -30.19 -12.89 27.00
CA PRO B 167 -29.48 -11.64 26.70
C PRO B 167 -28.05 -11.91 26.21
N PHE B 168 -27.05 -11.39 26.92
CA PHE B 168 -25.63 -11.51 26.53
C PHE B 168 -25.40 -10.96 25.11
N HIS B 169 -24.26 -11.33 24.52
CA HIS B 169 -23.99 -11.17 23.08
C HIS B 169 -23.99 -9.72 22.58
N GLN B 170 -22.78 -9.20 22.29
CA GLN B 170 -22.61 -7.80 21.88
C GLN B 170 -21.49 -7.61 20.84
N GLY B 171 -21.71 -8.18 19.65
CA GLY B 171 -20.73 -8.04 18.58
C GLY B 171 -20.52 -9.34 17.81
N HIS B 172 -20.28 -9.18 16.50
CA HIS B 172 -20.27 -10.26 15.47
C HIS B 172 -20.14 -11.71 15.94
N HIS B 173 -19.21 -11.97 16.86
CA HIS B 173 -19.03 -13.27 17.51
C HIS B 173 -20.35 -13.85 18.05
N SER B 174 -21.25 -12.96 18.48
CA SER B 174 -22.58 -13.32 18.92
C SER B 174 -23.30 -14.23 17.93
N VAL B 175 -23.28 -13.85 16.64
CA VAL B 175 -24.00 -14.60 15.60
C VAL B 175 -23.43 -16.01 15.38
N ASP B 176 -22.13 -16.18 15.60
CA ASP B 176 -21.51 -17.49 15.49
C ASP B 176 -21.81 -18.34 16.73
N THR B 177 -21.64 -17.74 17.91
CA THR B 177 -21.89 -18.41 19.18
C THR B 177 -23.36 -18.84 19.26
N ALA B 178 -24.25 -17.96 18.80
CA ALA B 178 -25.68 -18.26 18.71
C ALA B 178 -25.92 -19.46 17.82
N ALA B 179 -25.34 -19.43 16.61
CA ALA B 179 -25.46 -20.51 15.64
C ALA B 179 -24.94 -21.83 16.20
N MET B 180 -23.78 -21.79 16.86
CA MET B 180 -23.21 -22.99 17.48
C MET B 180 -24.14 -23.50 18.58
N ALA B 181 -24.43 -22.64 19.55
CA ALA B 181 -25.36 -22.98 20.63
C ALA B 181 -26.65 -23.52 20.03
N GLY B 182 -27.15 -22.86 18.99
CA GLY B 182 -28.34 -23.26 18.27
C GLY B 182 -28.25 -24.68 17.72
N LEU B 183 -27.12 -25.00 17.10
CA LEU B 183 -26.89 -26.33 16.55
C LEU B 183 -26.88 -27.39 17.64
N ALA B 184 -26.16 -27.12 18.73
CA ALA B 184 -26.10 -28.02 19.86
C ALA B 184 -27.50 -28.41 20.30
N PHE B 185 -28.35 -27.40 20.49
CA PHE B 185 -29.71 -27.62 20.94
C PHE B 185 -30.48 -28.51 19.96
N THR B 186 -30.40 -28.18 18.67
CA THR B 186 -31.02 -28.99 17.63
C THR B 186 -30.68 -30.46 17.86
N CYS B 187 -29.39 -30.75 17.95
CA CYS B 187 -28.90 -32.09 18.21
C CYS B 187 -29.62 -32.74 19.40
N LEU B 188 -29.54 -32.09 20.56
CA LEU B 188 -30.16 -32.62 21.78
C LEU B 188 -31.65 -32.88 21.61
N LYS B 189 -32.33 -31.94 20.95
CA LYS B 189 -33.77 -32.00 20.71
C LYS B 189 -34.11 -33.19 19.84
N ARG B 190 -33.27 -33.45 18.84
CA ARG B 190 -33.51 -34.49 17.85
C ARG B 190 -33.25 -35.91 18.40
N SER B 191 -32.88 -35.99 19.67
CA SER B 191 -32.65 -37.28 20.31
C SER B 191 -33.12 -37.33 21.76
N ASN B 192 -33.75 -36.24 22.21
CA ASN B 192 -34.36 -36.15 23.55
C ASN B 192 -33.34 -36.39 24.67
N PHE B 193 -32.18 -35.74 24.58
CA PHE B 193 -31.07 -36.06 25.46
C PHE B 193 -31.19 -35.52 26.89
N ASN B 194 -31.72 -34.31 27.02
CA ASN B 194 -32.00 -33.78 28.35
C ASN B 194 -33.49 -33.51 28.49
N PRO B 195 -34.27 -34.58 28.79
CA PRO B 195 -35.73 -34.50 28.83
C PRO B 195 -36.22 -33.42 29.78
N GLY B 196 -35.61 -33.35 30.96
CA GLY B 196 -35.96 -32.35 31.98
C GLY B 196 -35.87 -30.92 31.49
N ARG B 197 -35.33 -30.75 30.28
CA ARG B 197 -35.18 -29.43 29.67
C ARG B 197 -35.73 -29.43 28.24
N ARG B 198 -36.45 -30.48 27.88
CA ARG B 198 -37.00 -30.62 26.52
C ARG B 198 -37.78 -29.39 26.06
N GLN B 199 -38.81 -29.00 26.83
CA GLN B 199 -39.63 -27.84 26.52
C GLN B 199 -38.79 -26.57 26.54
N ARG B 200 -37.84 -26.54 27.47
CA ARG B 200 -36.94 -25.42 27.67
C ARG B 200 -35.99 -25.23 26.48
N ILE B 201 -35.45 -26.34 25.97
CA ILE B 201 -34.52 -26.34 24.83
C ILE B 201 -35.16 -25.84 23.53
N THR B 202 -36.37 -26.32 23.24
CA THR B 202 -37.10 -25.93 22.04
C THR B 202 -37.32 -24.42 21.99
N MET B 203 -37.71 -23.84 23.13
CA MET B 203 -37.85 -22.39 23.29
C MET B 203 -36.54 -21.67 22.92
N ALA B 204 -35.43 -22.16 23.44
CA ALA B 204 -34.11 -21.59 23.17
C ALA B 204 -33.77 -21.58 21.67
N ILE B 205 -34.04 -22.70 20.99
CA ILE B 205 -33.82 -22.78 19.53
C ILE B 205 -34.63 -21.70 18.82
N ARG B 206 -35.88 -21.52 19.26
CA ARG B 206 -36.75 -20.49 18.73
C ARG B 206 -36.18 -19.09 19.06
N THR B 207 -35.52 -18.98 20.22
CA THR B 207 -34.88 -17.72 20.63
C THR B 207 -33.69 -17.41 19.73
N VAL B 208 -32.94 -18.45 19.38
CA VAL B 208 -31.71 -18.30 18.60
C VAL B 208 -31.95 -17.75 17.19
N ARG B 209 -32.91 -18.33 16.49
CA ARG B 209 -33.21 -17.91 15.12
C ARG B 209 -33.73 -16.48 15.05
N GLU B 210 -34.42 -16.03 16.09
CA GLU B 210 -34.83 -14.62 16.19
C GLU B 210 -33.58 -13.75 16.28
N GLU B 211 -32.75 -14.01 17.29
CA GLU B 211 -31.46 -13.33 17.47
C GLU B 211 -30.63 -13.26 16.18
N ILE B 212 -30.50 -14.39 15.49
CA ILE B 212 -29.74 -14.46 14.24
C ILE B 212 -30.47 -13.74 13.11
N LEU B 213 -31.70 -14.14 12.85
CA LEU B 213 -32.48 -13.59 11.73
C LEU B 213 -32.68 -12.09 11.88
N LYS B 214 -32.70 -11.63 13.13
CA LYS B 214 -32.76 -10.21 13.44
C LYS B 214 -31.48 -9.49 13.02
N ALA B 215 -30.35 -10.17 13.19
CA ALA B 215 -29.04 -9.59 12.93
C ALA B 215 -28.63 -9.59 11.44
N GLN B 216 -29.60 -9.68 10.54
CA GLN B 216 -29.29 -9.66 9.11
C GLN B 216 -29.08 -8.24 8.58
N THR B 217 -27.85 -7.95 8.19
CA THR B 217 -27.48 -6.64 7.62
C THR B 217 -28.17 -6.42 6.27
N PRO B 218 -28.35 -5.13 5.88
CA PRO B 218 -28.95 -4.75 4.59
C PRO B 218 -28.23 -5.30 3.34
N GLU B 219 -26.99 -5.76 3.48
CA GLU B 219 -26.26 -6.42 2.39
C GLU B 219 -26.85 -7.79 2.13
N GLY B 220 -27.37 -8.41 3.19
CA GLY B 220 -27.96 -9.73 3.12
C GLY B 220 -27.30 -10.69 4.10
N HIS B 221 -26.15 -10.28 4.64
CA HIS B 221 -25.37 -11.12 5.55
C HIS B 221 -25.98 -11.26 6.95
N PHE B 222 -25.57 -12.30 7.65
CA PHE B 222 -25.93 -12.48 9.06
C PHE B 222 -24.73 -12.07 9.94
N GLY B 223 -24.81 -10.89 10.52
CA GLY B 223 -23.72 -10.35 11.33
C GLY B 223 -22.60 -9.80 10.46
N ASN B 224 -21.83 -10.71 9.87
CA ASN B 224 -20.88 -10.37 8.82
C ASN B 224 -20.76 -11.51 7.82
N VAL B 225 -19.85 -11.38 6.85
CA VAL B 225 -19.64 -12.41 5.83
C VAL B 225 -19.16 -13.75 6.43
N TYR B 226 -18.33 -13.68 7.47
CA TYR B 226 -17.76 -14.88 8.05
C TYR B 226 -18.60 -15.51 9.15
N SER B 227 -19.67 -14.84 9.54
CA SER B 227 -20.63 -15.40 10.48
C SER B 227 -21.77 -16.07 9.72
N THR B 228 -21.88 -15.76 8.43
CA THR B 228 -23.01 -16.20 7.62
C THR B 228 -23.06 -17.72 7.41
N PRO B 229 -21.93 -18.36 7.07
CA PRO B 229 -21.96 -19.81 6.84
C PRO B 229 -22.53 -20.61 8.02
N LEU B 230 -21.96 -20.42 9.21
CA LEU B 230 -22.42 -21.13 10.40
C LEU B 230 -23.86 -20.75 10.77
N ALA B 231 -24.24 -19.50 10.52
CA ALA B 231 -25.59 -19.05 10.76
C ALA B 231 -26.55 -19.84 9.86
N LEU B 232 -26.29 -19.79 8.56
CA LEU B 232 -27.06 -20.54 7.57
C LEU B 232 -27.11 -22.03 7.93
N GLN B 233 -25.97 -22.58 8.34
CA GLN B 233 -25.88 -23.97 8.78
C GLN B 233 -26.94 -24.28 9.82
N PHE B 234 -27.04 -23.45 10.86
CA PHE B 234 -28.09 -23.60 11.87
C PHE B 234 -29.50 -23.42 11.28
N LEU B 235 -29.67 -22.38 10.47
CA LEU B 235 -30.96 -22.04 9.91
C LEU B 235 -31.51 -23.09 8.93
N MET B 236 -30.64 -23.96 8.42
CA MET B 236 -31.04 -25.05 7.53
C MET B 236 -31.49 -26.29 8.30
N THR B 237 -31.85 -26.11 9.58
CA THR B 237 -32.43 -27.20 10.36
C THR B 237 -33.83 -26.81 10.82
N SER B 238 -34.03 -25.53 11.15
CA SER B 238 -35.34 -25.01 11.58
C SER B 238 -36.43 -25.29 10.56
N PRO B 239 -37.41 -26.15 10.93
CA PRO B 239 -38.41 -26.61 9.97
C PRO B 239 -39.69 -25.75 9.90
N MET B 240 -39.69 -24.58 10.52
CA MET B 240 -40.88 -23.71 10.57
C MET B 240 -40.91 -22.69 9.42
N PRO B 241 -41.88 -22.85 8.48
CA PRO B 241 -42.01 -21.96 7.32
C PRO B 241 -42.76 -20.66 7.64
N GLY B 242 -43.77 -20.34 6.82
CA GLY B 242 -44.43 -19.05 6.86
C GLY B 242 -44.00 -18.21 5.67
N ALA B 243 -42.76 -17.71 5.73
CA ALA B 243 -42.14 -16.92 4.66
C ALA B 243 -40.76 -16.44 5.11
N GLU B 244 -40.71 -15.95 6.35
CA GLU B 244 -39.50 -15.37 6.97
C GLU B 244 -38.19 -15.91 6.42
N LEU B 245 -37.92 -17.19 6.69
CA LEU B 245 -36.69 -17.86 6.28
C LEU B 245 -36.46 -17.77 4.77
N GLY B 246 -37.46 -18.16 4.00
CA GLY B 246 -37.38 -18.13 2.54
C GLY B 246 -36.57 -16.97 1.99
N THR B 247 -37.09 -15.75 2.15
CA THR B 247 -36.47 -14.57 1.58
C THR B 247 -35.17 -14.19 2.27
N ALA B 248 -35.14 -14.25 3.60
CA ALA B 248 -33.95 -13.90 4.38
C ALA B 248 -32.77 -14.82 4.05
N CYS B 249 -33.06 -16.10 3.91
CA CYS B 249 -32.07 -17.12 3.56
C CYS B 249 -31.60 -16.92 2.12
N LEU B 250 -32.54 -16.58 1.25
CA LEU B 250 -32.27 -16.37 -0.17
C LEU B 250 -31.50 -15.07 -0.40
N LYS B 251 -31.70 -14.12 0.51
CA LYS B 251 -30.98 -12.84 0.50
C LYS B 251 -29.52 -13.08 0.85
N ALA B 252 -29.29 -13.89 1.88
CA ALA B 252 -27.95 -14.25 2.30
C ALA B 252 -27.15 -14.82 1.13
N ARG B 253 -27.83 -15.59 0.29
CA ARG B 253 -27.22 -16.18 -0.90
C ARG B 253 -26.60 -15.10 -1.78
N VAL B 254 -27.37 -14.03 -2.03
CA VAL B 254 -26.90 -12.90 -2.83
C VAL B 254 -25.66 -12.26 -2.19
N ALA B 255 -25.80 -11.84 -0.93
CA ALA B 255 -24.69 -11.28 -0.16
C ALA B 255 -23.45 -12.18 -0.20
N LEU B 256 -23.68 -13.48 -0.09
CA LEU B 256 -22.61 -14.48 -0.06
C LEU B 256 -21.98 -14.61 -1.44
N LEU B 257 -22.82 -14.85 -2.45
CA LEU B 257 -22.40 -14.97 -3.86
C LEU B 257 -21.50 -13.80 -4.28
N ALA B 258 -21.90 -12.58 -3.89
CA ALA B 258 -21.10 -11.38 -4.15
C ALA B 258 -19.71 -11.45 -3.51
N SER B 259 -19.66 -11.76 -2.20
CA SER B 259 -18.40 -11.84 -1.47
C SER B 259 -17.51 -12.98 -1.96
N LEU B 260 -18.17 -14.03 -2.44
CA LEU B 260 -17.50 -15.24 -2.89
C LEU B 260 -16.70 -14.95 -4.16
N GLN B 261 -17.35 -14.29 -5.12
CA GLN B 261 -16.69 -13.91 -6.38
C GLN B 261 -15.81 -12.67 -6.16
N ASP B 262 -15.63 -12.29 -4.91
CA ASP B 262 -14.75 -11.18 -4.55
C ASP B 262 -13.49 -11.71 -3.86
N GLY B 263 -13.50 -12.99 -3.48
CA GLY B 263 -12.35 -13.63 -2.86
C GLY B 263 -12.34 -13.54 -1.35
N ALA B 264 -13.49 -13.26 -0.77
CA ALA B 264 -13.62 -13.11 0.68
C ALA B 264 -13.32 -14.39 1.46
N PHE B 265 -13.38 -15.55 0.80
CA PHE B 265 -13.19 -16.82 1.49
C PHE B 265 -11.82 -17.45 1.22
N GLN B 266 -10.80 -16.83 1.82
CA GLN B 266 -9.42 -17.29 1.65
C GLN B 266 -9.08 -18.33 2.70
N ASN B 267 -9.59 -18.13 3.92
CA ASN B 267 -9.25 -18.97 5.07
C ASN B 267 -9.79 -20.39 4.98
N ALA B 268 -8.89 -21.36 5.21
CA ALA B 268 -9.22 -22.78 5.12
C ALA B 268 -10.37 -23.17 6.04
N LEU B 269 -10.31 -22.67 7.27
CA LEU B 269 -11.35 -22.97 8.25
C LEU B 269 -12.70 -22.43 7.79
N MET B 270 -12.69 -21.20 7.27
CA MET B 270 -13.92 -20.56 6.81
C MET B 270 -14.51 -21.22 5.57
N ILE B 271 -13.66 -21.76 4.70
CA ILE B 271 -14.09 -22.51 3.52
C ILE B 271 -14.80 -23.79 3.95
N SER B 272 -14.23 -24.42 4.98
CA SER B 272 -14.74 -25.69 5.52
C SER B 272 -16.04 -25.53 6.31
N GLN B 273 -16.40 -24.29 6.62
CA GLN B 273 -17.66 -23.98 7.29
C GLN B 273 -18.77 -23.61 6.31
N LEU B 274 -18.37 -23.18 5.11
CA LEU B 274 -19.30 -22.81 4.05
C LEU B 274 -19.61 -23.99 3.15
N LEU B 275 -18.61 -24.82 2.87
CA LEU B 275 -18.76 -25.96 1.97
C LEU B 275 -19.95 -26.88 2.28
N PRO B 276 -20.14 -27.25 3.56
CA PRO B 276 -21.31 -28.06 3.89
C PRO B 276 -22.60 -27.34 3.50
N VAL B 277 -22.70 -26.07 3.88
CA VAL B 277 -23.84 -25.21 3.55
C VAL B 277 -24.07 -25.20 2.04
N LEU B 278 -23.01 -24.97 1.28
CA LEU B 278 -23.05 -24.96 -0.20
C LEU B 278 -23.56 -26.27 -0.80
N ASN B 279 -23.59 -27.31 0.01
CA ASN B 279 -24.03 -28.60 -0.42
C ASN B 279 -25.31 -29.04 0.30
N HIS B 280 -26.06 -28.06 0.81
CA HIS B 280 -27.26 -28.29 1.62
C HIS B 280 -26.99 -29.26 2.78
N LYS B 281 -25.82 -29.12 3.39
CA LYS B 281 -25.41 -29.97 4.49
C LYS B 281 -25.06 -29.13 5.72
N THR B 282 -25.33 -29.69 6.90
CA THR B 282 -25.03 -29.02 8.15
C THR B 282 -24.24 -29.98 9.04
N TYR B 283 -23.81 -29.51 10.21
CA TYR B 283 -23.20 -30.40 11.19
C TYR B 283 -24.22 -31.37 11.81
N ILE B 284 -25.51 -31.07 11.63
CA ILE B 284 -26.60 -31.92 12.11
C ILE B 284 -26.71 -33.17 11.24
N ASP B 285 -26.27 -33.05 9.99
CA ASP B 285 -26.19 -34.20 9.09
C ASP B 285 -25.16 -35.23 9.58
N LEU B 286 -24.40 -34.86 10.60
CA LEU B 286 -23.44 -35.77 11.21
C LEU B 286 -24.08 -36.70 12.25
N ILE B 287 -25.39 -36.58 12.46
CA ILE B 287 -26.12 -37.57 13.26
C ILE B 287 -26.30 -38.84 12.42
N PHE B 288 -26.81 -38.68 11.21
CA PHE B 288 -26.93 -39.79 10.27
C PHE B 288 -26.20 -39.46 8.97
N PRO B 289 -24.86 -39.57 8.98
CA PRO B 289 -24.08 -39.17 7.81
C PRO B 289 -24.12 -40.19 6.68
N ASP B 290 -23.98 -39.71 5.46
CA ASP B 290 -23.93 -40.57 4.28
C ASP B 290 -22.50 -40.67 3.78
N CYS B 291 -21.86 -41.79 4.09
CA CYS B 291 -20.48 -42.06 3.70
C CYS B 291 -20.36 -42.62 2.28
N LEU B 292 -21.51 -42.97 1.69
CA LEU B 292 -21.55 -43.47 0.32
C LEU B 292 -22.00 -42.42 -0.69
N ALA B 293 -22.46 -41.28 -0.19
CA ALA B 293 -22.85 -40.15 -1.04
C ALA B 293 -21.65 -39.70 -1.87
N PRO B 294 -21.79 -39.67 -3.20
CA PRO B 294 -20.66 -39.38 -4.06
C PRO B 294 -20.31 -37.90 -4.12
N ARG B 295 -19.02 -37.62 -4.28
CA ARG B 295 -18.49 -36.26 -4.42
C ARG B 295 -17.48 -36.28 -5.56
N VAL B 296 -17.47 -35.22 -6.37
CA VAL B 296 -16.56 -35.11 -7.52
C VAL B 296 -15.11 -34.91 -7.06
N MET B 297 -14.17 -35.50 -7.82
CA MET B 297 -12.74 -35.35 -7.54
C MET B 297 -12.29 -33.90 -7.68
N LEU B 298 -11.20 -33.55 -7.00
CA LEU B 298 -10.59 -32.24 -7.12
C LEU B 298 -9.24 -32.38 -7.80
N GLU B 299 -9.10 -31.77 -8.97
CA GLU B 299 -7.81 -31.72 -9.64
C GLU B 299 -6.94 -30.71 -8.90
N PRO B 300 -5.61 -30.96 -8.87
CA PRO B 300 -4.70 -29.99 -8.26
C PRO B 300 -4.80 -28.62 -8.93
N ALA B 301 -4.82 -27.56 -8.12
CA ALA B 301 -4.82 -26.17 -8.62
C ALA B 301 -3.70 -25.96 -9.62
N ALA B 302 -2.47 -26.24 -9.14
CA ALA B 302 -1.25 -26.46 -9.94
C ALA B 302 -0.99 -25.60 -11.19
N GLU B 303 -1.25 -24.28 -11.10
CA GLU B 303 -0.95 -23.34 -12.21
C GLU B 303 -1.10 -21.86 -11.83
N THR B 304 -1.43 -21.59 -10.56
CA THR B 304 -1.70 -20.23 -10.05
C THR B 304 -0.88 -19.17 -10.79
N ILE B 305 -1.59 -18.21 -11.39
CA ILE B 305 -0.98 -17.07 -12.08
C ILE B 305 0.02 -16.38 -11.12
N PRO B 306 1.33 -16.48 -11.44
CA PRO B 306 2.38 -15.97 -10.57
C PRO B 306 2.43 -14.44 -10.63
N GLN B 307 2.02 -13.80 -9.53
CA GLN B 307 1.81 -12.34 -9.49
C GLN B 307 3.07 -11.47 -9.67
N THR B 308 2.88 -10.15 -9.74
CA THR B 308 3.94 -9.17 -10.05
C THR B 308 4.60 -8.50 -8.83
N GLN B 309 5.90 -8.25 -8.94
CA GLN B 309 6.65 -7.49 -7.93
C GLN B 309 6.23 -6.02 -7.84
N GLU B 310 6.12 -5.54 -6.60
CA GLU B 310 5.78 -4.14 -6.30
C GLU B 310 6.06 -3.90 -4.82
N ILE B 311 7.08 -3.08 -4.54
CA ILE B 311 7.44 -2.74 -3.17
C ILE B 311 6.45 -1.70 -2.62
N ILE B 312 5.61 -2.11 -1.67
CA ILE B 312 4.68 -1.19 -0.98
C ILE B 312 5.07 -0.95 0.47
N SER B 313 4.54 0.12 1.05
CA SER B 313 4.80 0.47 2.44
C SER B 313 3.54 0.42 3.28
N VAL B 314 3.70 -0.04 4.53
CA VAL B 314 2.59 -0.22 5.47
C VAL B 314 3.03 0.20 6.87
N THR B 315 2.28 1.11 7.48
CA THR B 315 2.60 1.63 8.81
C THR B 315 2.01 0.71 9.87
N LEU B 316 2.88 0.02 10.59
CA LEU B 316 2.45 -0.78 11.73
C LEU B 316 2.60 0.05 12.98
N GLN B 317 1.54 0.10 13.80
CA GLN B 317 1.61 0.86 15.03
C GLN B 317 0.98 0.14 16.21
N VAL B 318 1.67 0.19 17.34
CA VAL B 318 1.14 -0.34 18.59
C VAL B 318 1.06 0.76 19.64
N LEU B 319 -0.16 1.19 19.94
CA LEU B 319 -0.41 2.04 21.09
C LEU B 319 -0.54 1.08 22.28
N SER B 320 -1.40 1.39 23.23
CA SER B 320 -1.62 0.50 24.39
C SER B 320 -0.34 -0.16 24.96
N LEU B 321 0.78 0.55 24.85
CA LEU B 321 2.06 0.08 25.40
C LEU B 321 3.10 1.17 25.67
N LEU B 322 3.73 1.03 26.86
CA LEU B 322 4.90 1.81 27.36
C LEU B 322 5.25 3.03 26.52
N PRO B 323 6.35 3.09 25.69
CA PRO B 323 6.42 4.09 24.63
C PRO B 323 5.70 3.54 23.39
N PRO B 324 4.75 4.30 22.83
CA PRO B 324 4.02 3.79 21.68
C PRO B 324 4.96 3.46 20.53
N TYR B 325 4.76 2.31 19.91
CA TYR B 325 5.55 1.87 18.77
C TYR B 325 4.82 2.21 17.48
N ARG B 326 5.52 2.85 16.53
CA ARG B 326 5.01 3.01 15.16
C ARG B 326 6.14 3.15 14.14
N GLN B 327 6.13 2.26 13.14
CA GLN B 327 7.19 2.23 12.15
C GLN B 327 6.67 1.81 10.79
N SER B 328 6.97 2.63 9.78
CA SER B 328 6.58 2.35 8.42
C SER B 328 7.41 1.21 7.83
N ILE B 329 6.83 0.02 7.82
CA ILE B 329 7.46 -1.16 7.25
C ILE B 329 7.23 -1.22 5.74
N SER B 330 8.25 -1.63 5.01
CA SER B 330 8.17 -1.77 3.56
C SER B 330 8.24 -3.24 3.16
N VAL B 331 7.18 -3.71 2.50
CA VAL B 331 7.05 -5.11 2.07
C VAL B 331 6.66 -5.21 0.59
N LEU B 332 6.69 -6.44 0.08
CA LEU B 332 6.24 -6.73 -1.28
C LEU B 332 4.72 -6.75 -1.30
N ALA B 333 4.13 -6.31 -2.40
CA ALA B 333 2.66 -6.24 -2.51
C ALA B 333 2.07 -7.65 -2.46
N GLY B 334 0.92 -7.77 -1.81
CA GLY B 334 0.32 -9.08 -1.59
C GLY B 334 0.79 -9.73 -0.29
N SER B 335 1.77 -9.10 0.37
CA SER B 335 2.23 -9.58 1.67
C SER B 335 1.08 -9.61 2.65
N THR B 336 1.16 -10.54 3.61
CA THR B 336 0.18 -10.64 4.67
C THR B 336 0.64 -9.81 5.88
N VAL B 337 -0.29 -9.48 6.77
CA VAL B 337 0.04 -8.75 8.00
C VAL B 337 1.18 -9.42 8.76
N GLU B 338 1.17 -10.75 8.76
CA GLU B 338 2.24 -11.54 9.38
C GLU B 338 3.62 -11.24 8.77
N ASP B 339 3.65 -10.98 7.46
CA ASP B 339 4.90 -10.60 6.78
C ASP B 339 5.40 -9.26 7.29
N VAL B 340 4.46 -8.32 7.47
CA VAL B 340 4.76 -7.00 8.01
C VAL B 340 5.28 -7.16 9.42
N LEU B 341 4.59 -7.97 10.22
CA LEU B 341 5.05 -8.33 11.56
C LEU B 341 6.44 -8.96 11.52
N LYS B 342 6.62 -9.94 10.64
CA LYS B 342 7.93 -10.58 10.46
C LYS B 342 9.05 -9.59 10.14
N LYS B 343 8.84 -8.71 9.17
CA LYS B 343 9.87 -7.74 8.77
C LYS B 343 10.24 -6.80 9.91
N ALA B 344 9.24 -6.39 10.68
CA ALA B 344 9.43 -5.46 11.78
C ALA B 344 10.36 -6.04 12.83
N HIS B 345 10.17 -7.32 13.16
CA HIS B 345 11.00 -8.01 14.14
C HIS B 345 12.46 -8.03 13.73
N GLU B 346 12.72 -8.34 12.46
CA GLU B 346 14.08 -8.41 11.95
C GLU B 346 14.67 -7.02 11.68
N LEU B 347 13.80 -6.05 11.41
CA LEU B 347 14.23 -4.69 11.08
C LEU B 347 14.77 -3.95 12.30
N GLY B 348 14.01 -3.96 13.39
CA GLY B 348 14.39 -3.23 14.59
C GLY B 348 13.79 -3.81 15.85
N GLY B 349 13.43 -2.92 16.77
CA GLY B 349 12.92 -3.32 18.07
C GLY B 349 11.43 -3.58 18.02
N PHE B 350 11.08 -4.81 17.62
CA PHE B 350 9.71 -5.28 17.66
C PHE B 350 9.69 -6.80 17.82
N THR B 351 8.79 -7.29 18.67
CA THR B 351 8.57 -8.73 18.83
C THR B 351 7.08 -9.07 18.94
N TYR B 352 6.76 -10.34 18.77
CA TYR B 352 5.38 -10.82 18.82
C TYR B 352 5.35 -12.34 18.99
N GLU B 353 4.36 -12.84 19.72
CA GLU B 353 4.17 -14.29 19.84
C GLU B 353 2.82 -14.67 19.25
N THR B 354 2.79 -15.81 18.57
CA THR B 354 1.53 -16.36 18.07
C THR B 354 1.28 -17.76 18.63
N GLN B 355 0.05 -18.25 18.46
CA GLN B 355 -0.26 -19.65 18.72
C GLN B 355 -0.90 -20.22 17.47
N ALA B 356 -0.71 -21.51 17.23
CA ALA B 356 -1.39 -22.18 16.16
C ALA B 356 -2.87 -22.32 16.53
N SER B 357 -3.71 -22.53 15.52
CA SER B 357 -5.14 -22.77 15.73
C SER B 357 -5.79 -23.21 14.43
N LEU B 358 -6.94 -23.87 14.52
CA LEU B 358 -7.67 -24.33 13.35
C LEU B 358 -7.97 -23.18 12.36
N SER B 359 -7.71 -21.96 12.82
CA SER B 359 -7.99 -20.75 12.06
C SER B 359 -6.68 -20.12 11.55
N GLY B 360 -5.55 -20.61 12.06
CA GLY B 360 -4.24 -20.10 11.65
C GLY B 360 -3.47 -19.51 12.83
N PRO B 361 -2.35 -18.81 12.56
CA PRO B 361 -1.60 -18.13 13.63
C PRO B 361 -2.43 -17.07 14.35
N TYR B 362 -2.57 -17.25 15.67
CA TYR B 362 -3.35 -16.37 16.54
C TYR B 362 -2.38 -15.51 17.34
N LEU B 363 -2.50 -14.19 17.21
CA LEU B 363 -1.59 -13.25 17.88
C LEU B 363 -1.88 -13.17 19.37
N THR B 364 -0.87 -13.45 20.19
CA THR B 364 -1.06 -13.53 21.64
C THR B 364 -0.23 -12.53 22.44
N SER B 365 0.93 -12.16 21.91
CA SER B 365 1.80 -11.22 22.61
C SER B 365 2.41 -10.24 21.62
N VAL B 366 2.46 -8.98 22.01
CA VAL B 366 3.05 -7.92 21.19
C VAL B 366 3.96 -7.07 22.05
N MET B 367 5.16 -6.79 21.55
CA MET B 367 6.17 -6.01 22.28
C MET B 367 6.39 -6.50 23.71
N GLY B 368 6.33 -7.82 23.88
CA GLY B 368 6.54 -8.44 25.18
C GLY B 368 5.35 -8.39 26.13
N LYS B 369 4.21 -7.93 25.62
CA LYS B 369 2.99 -7.90 26.44
C LYS B 369 2.01 -8.97 25.97
N ALA B 370 2.04 -10.10 26.66
CA ALA B 370 1.12 -11.21 26.41
C ALA B 370 -0.28 -10.83 26.90
N ALA B 371 -1.27 -11.08 26.06
CA ALA B 371 -2.67 -10.80 26.41
C ALA B 371 -3.07 -11.53 27.69
N GLY B 372 -3.68 -10.79 28.61
CA GLY B 372 -4.14 -11.35 29.88
C GLY B 372 -5.42 -12.16 29.75
N GLU B 373 -6.28 -12.07 30.76
CA GLU B 373 -7.47 -12.92 30.82
C GLU B 373 -8.47 -12.55 29.74
N ARG B 374 -9.56 -11.87 30.11
CA ARG B 374 -10.57 -11.54 29.11
C ARG B 374 -10.16 -10.35 28.25
N GLU B 375 -8.89 -10.31 27.89
CA GLU B 375 -8.40 -9.35 26.93
C GLU B 375 -7.82 -10.10 25.74
N PHE B 376 -7.71 -9.43 24.59
CA PHE B 376 -7.09 -10.01 23.40
C PHE B 376 -6.47 -8.94 22.52
N TRP B 377 -5.47 -9.32 21.74
CA TRP B 377 -4.81 -8.39 20.83
C TRP B 377 -5.58 -8.19 19.53
N GLN B 378 -6.36 -7.12 19.48
CA GLN B 378 -7.21 -6.82 18.34
C GLN B 378 -6.40 -6.32 17.14
N LEU B 379 -6.84 -6.67 15.94
CA LEU B 379 -6.25 -6.17 14.72
C LEU B 379 -7.17 -5.12 14.11
N LEU B 380 -6.60 -3.98 13.73
CA LEU B 380 -7.37 -2.85 13.21
C LEU B 380 -6.68 -2.20 12.02
N ARG B 381 -7.50 -1.66 11.13
CA ARG B 381 -7.04 -0.87 10.00
C ARG B 381 -7.51 0.55 10.22
N ASP B 382 -6.58 1.49 10.24
CA ASP B 382 -6.90 2.90 10.49
C ASP B 382 -7.87 3.43 9.42
N PRO B 383 -8.94 4.15 9.83
CA PRO B 383 -9.30 4.59 11.19
C PRO B 383 -10.27 3.68 11.98
N ASN B 384 -9.73 3.01 13.00
CA ASN B 384 -10.52 2.29 14.02
C ASN B 384 -11.46 1.19 13.55
N THR B 385 -11.24 0.69 12.33
CA THR B 385 -12.06 -0.40 11.80
C THR B 385 -11.35 -1.74 12.01
N PRO B 386 -11.89 -2.59 12.90
CA PRO B 386 -11.31 -3.89 13.19
C PRO B 386 -11.28 -4.79 11.97
N LEU B 387 -10.21 -5.57 11.83
CA LEU B 387 -10.03 -6.45 10.68
C LEU B 387 -10.98 -7.64 10.74
N LEU B 388 -11.43 -8.07 9.57
CA LEU B 388 -12.29 -9.26 9.46
C LEU B 388 -11.45 -10.52 9.19
N GLN B 389 -10.13 -10.36 9.18
CA GLN B 389 -9.22 -11.47 8.90
C GLN B 389 -8.01 -11.42 9.83
N GLY B 390 -7.35 -12.56 9.99
CA GLY B 390 -6.15 -12.65 10.84
C GLY B 390 -4.87 -12.20 10.16
N ILE B 391 -3.80 -12.13 10.94
CA ILE B 391 -2.50 -11.64 10.46
C ILE B 391 -2.04 -12.37 9.21
N ALA B 392 -2.56 -13.59 9.00
CA ALA B 392 -2.12 -14.45 7.90
C ALA B 392 -3.11 -14.52 6.75
N ASP B 393 -4.16 -13.73 6.79
CA ASP B 393 -5.11 -13.70 5.68
C ASP B 393 -5.39 -12.29 5.18
N TYR B 394 -5.10 -11.30 6.02
CA TYR B 394 -5.25 -9.92 5.62
C TYR B 394 -4.03 -9.46 4.85
N ARG B 395 -4.25 -9.01 3.62
CA ARG B 395 -3.19 -8.48 2.78
C ARG B 395 -3.37 -6.98 2.60
N PRO B 396 -2.70 -6.17 3.44
CA PRO B 396 -2.86 -4.70 3.44
C PRO B 396 -2.45 -4.04 2.12
N LYS B 397 -3.00 -2.87 1.84
CA LYS B 397 -2.66 -2.10 0.64
C LYS B 397 -1.60 -1.02 0.94
N ASP B 398 -1.06 -0.40 -0.12
CA ASP B 398 -0.03 0.62 0.04
C ASP B 398 -0.53 1.79 0.87
N GLY B 399 0.29 2.21 1.83
CA GLY B 399 0.00 3.35 2.69
C GLY B 399 -1.07 3.13 3.74
N GLU B 400 -1.33 1.86 4.03
CA GLU B 400 -2.30 1.49 5.04
C GLU B 400 -1.63 1.42 6.40
N THR B 401 -2.41 1.67 7.45
CA THR B 401 -1.91 1.58 8.82
C THR B 401 -2.59 0.43 9.55
N ILE B 402 -1.78 -0.39 10.22
CA ILE B 402 -2.28 -1.50 11.01
C ILE B 402 -2.00 -1.24 12.50
N GLU B 403 -3.04 -1.25 13.32
CA GLU B 403 -2.89 -1.14 14.77
C GLU B 403 -3.10 -2.49 15.46
N LEU B 404 -2.20 -2.83 16.37
CA LEU B 404 -2.39 -3.96 17.26
C LEU B 404 -2.80 -3.41 18.60
N ARG B 405 -4.05 -3.67 18.99
CA ARG B 405 -4.64 -3.04 20.15
C ARG B 405 -5.08 -4.08 21.19
N LEU B 406 -4.71 -3.85 22.45
CA LEU B 406 -5.09 -4.76 23.52
C LEU B 406 -6.40 -4.31 24.17
N VAL B 407 -7.49 -4.82 23.64
CA VAL B 407 -8.84 -4.59 24.18
C VAL B 407 -9.20 -5.70 25.16
N SER B 408 -10.27 -5.49 25.93
CA SER B 408 -10.79 -6.53 26.81
C SER B 408 -12.26 -6.76 26.51
N TRP B 409 -12.65 -8.02 26.35
CA TRP B 409 -14.06 -8.34 26.12
C TRP B 409 -14.69 -9.20 27.23
#